data_6MXD
#
_entry.id   6MXD
#
_cell.length_a   59.285
_cell.length_b   64.984
_cell.length_c   79.075
_cell.angle_alpha   85.74
_cell.angle_beta   74.58
_cell.angle_gamma   62.87
#
_symmetry.space_group_name_H-M   'P 1'
#
loop_
_entity.id
_entity.type
_entity.pdbx_description
1 polymer 'Hypoxanthine-guanine phosphoribosyltransferase, putative'
2 non-polymer 'INOSINIC ACID'
3 non-polymer 'MAGNESIUM ION'
4 water water
#
_entity_poly.entity_id   1
_entity_poly.type   'polypeptide(L)'
_entity_poly.pdbx_seq_one_letter_code
;MGSSHHHHHHDYDIPTTENLYFQGHMASMTGGQQMGRGSHSGHPLKPNFVGRDADGNVTVDGRSYPMAESVVATESTIHR
SMKEMAQTLANAYKTLKHRDTHNKGNSALAPITDENPLIIISVLKGSYIFTADMVRYLGDCGLPNVVDFIRITSYRGTTK
SSGTVQVLDNLRFTELTGKHVLIMEDIADTGRTMKLLVEKIRREYRPASLKVCVLVDKPGGRVVDFKPEFVCLTAPTRYV
VGYGFEVNDRYRNYRHVFVLKPEYAKRYPSKL
;
_entity_poly.pdbx_strand_id   A,B,C,D
#
# COMPACT_ATOMS: atom_id res chain seq x y z
N PRO A 44 8.79 -4.87 -6.33
CA PRO A 44 8.20 -6.20 -6.53
C PRO A 44 6.72 -6.27 -6.21
N LEU A 45 6.17 -7.48 -6.24
CA LEU A 45 4.76 -7.74 -5.98
C LEU A 45 4.66 -8.63 -4.75
N LYS A 46 3.94 -8.15 -3.73
CA LYS A 46 3.69 -8.96 -2.54
C LYS A 46 2.26 -9.45 -2.59
N PRO A 47 2.00 -10.59 -3.22
CA PRO A 47 0.62 -11.02 -3.44
C PRO A 47 -0.03 -11.58 -2.20
N ASN A 48 -1.36 -11.45 -2.14
CA ASN A 48 -2.13 -11.99 -1.04
C ASN A 48 -2.30 -13.49 -1.19
N PHE A 49 -2.10 -14.22 -0.09
CA PHE A 49 -2.24 -15.67 -0.12
C PHE A 49 -3.70 -16.06 0.05
N VAL A 50 -4.12 -17.08 -0.68
CA VAL A 50 -5.48 -17.59 -0.64
C VAL A 50 -5.44 -19.03 -0.14
N GLY A 51 -6.21 -19.31 0.91
CA GLY A 51 -6.29 -20.64 1.49
C GLY A 51 -7.62 -20.83 2.15
N ARG A 52 -7.65 -21.65 3.20
CA ARG A 52 -8.88 -21.95 3.91
C ARG A 52 -8.61 -21.99 5.41
N ASP A 53 -9.68 -21.87 6.18
CA ASP A 53 -9.63 -21.88 7.63
C ASP A 53 -9.95 -23.28 8.16
N ALA A 54 -10.08 -23.41 9.48
CA ALA A 54 -10.54 -24.67 10.05
C ALA A 54 -12.01 -24.91 9.76
N ASP A 55 -12.81 -23.84 9.70
CA ASP A 55 -14.22 -23.98 9.33
C ASP A 55 -14.41 -24.37 7.88
N GLY A 56 -13.40 -24.14 7.04
CA GLY A 56 -13.51 -24.43 5.63
C GLY A 56 -13.88 -23.25 4.76
N ASN A 57 -13.81 -22.04 5.29
CA ASN A 57 -14.13 -20.83 4.52
C ASN A 57 -12.90 -20.35 3.76
N VAL A 58 -13.15 -19.68 2.64
CA VAL A 58 -12.06 -19.13 1.84
C VAL A 58 -11.41 -17.99 2.61
N THR A 59 -10.09 -18.06 2.76
CA THR A 59 -9.33 -17.03 3.47
C THR A 59 -8.38 -16.32 2.50
N VAL A 60 -8.15 -15.05 2.78
CA VAL A 60 -7.17 -14.25 2.05
C VAL A 60 -6.25 -13.61 3.11
N ASP A 61 -5.04 -14.16 3.25
CA ASP A 61 -4.05 -13.67 4.21
C ASP A 61 -4.59 -13.71 5.65
N GLY A 62 -5.32 -14.77 5.98
CA GLY A 62 -5.72 -15.05 7.34
C GLY A 62 -7.16 -14.70 7.67
N ARG A 63 -7.77 -13.79 6.94
CA ARG A 63 -9.14 -13.36 7.20
C ARG A 63 -10.11 -14.27 6.46
N SER A 64 -11.03 -14.89 7.20
CA SER A 64 -11.98 -15.82 6.60
C SER A 64 -13.06 -15.07 5.82
N TYR A 65 -13.51 -15.68 4.74
CA TYR A 65 -14.52 -15.10 3.85
C TYR A 65 -15.58 -16.15 3.57
N PRO A 66 -16.53 -16.34 4.50
CA PRO A 66 -17.58 -17.35 4.29
C PRO A 66 -18.48 -17.07 3.11
N MET A 67 -18.54 -15.82 2.63
CA MET A 67 -19.34 -15.53 1.45
C MET A 67 -18.70 -16.10 0.19
N ALA A 68 -17.37 -16.19 0.16
CA ALA A 68 -16.66 -16.54 -1.06
C ALA A 68 -16.80 -18.02 -1.39
N GLU A 69 -17.00 -18.31 -2.67
CA GLU A 69 -16.87 -19.65 -3.23
C GLU A 69 -15.52 -19.84 -3.91
N SER A 70 -15.12 -18.88 -4.74
CA SER A 70 -13.81 -18.82 -5.35
C SER A 70 -13.24 -17.42 -5.14
N VAL A 71 -12.01 -17.22 -5.58
CA VAL A 71 -11.35 -15.91 -5.56
C VAL A 71 -10.90 -15.61 -6.98
N VAL A 72 -11.52 -14.61 -7.60
CA VAL A 72 -11.14 -14.20 -8.94
C VAL A 72 -9.75 -13.56 -8.88
N ALA A 73 -9.69 -12.36 -8.32
CA ALA A 73 -8.42 -11.66 -8.14
C ALA A 73 -8.41 -10.99 -6.79
N THR A 74 -7.27 -11.05 -6.10
CA THR A 74 -7.10 -10.38 -4.83
C THR A 74 -6.55 -8.97 -5.06
N GLU A 75 -6.46 -8.20 -3.96
CA GLU A 75 -6.08 -6.80 -4.08
C GLU A 75 -4.70 -6.63 -4.69
N SER A 76 -3.80 -7.58 -4.46
CA SER A 76 -2.50 -7.54 -5.12
C SER A 76 -2.65 -7.65 -6.63
N THR A 77 -3.49 -8.58 -7.08
CA THR A 77 -3.71 -8.73 -8.52
C THR A 77 -4.60 -7.63 -9.06
N ILE A 78 -5.62 -7.22 -8.32
CA ILE A 78 -6.51 -6.16 -8.77
C ILE A 78 -5.74 -4.86 -8.95
N HIS A 79 -4.91 -4.50 -7.96
CA HIS A 79 -4.26 -3.20 -7.97
C HIS A 79 -3.24 -3.08 -9.10
N ARG A 80 -2.54 -4.17 -9.42
CA ARG A 80 -1.60 -4.10 -10.54
C ARG A 80 -2.30 -4.04 -11.88
N SER A 81 -3.55 -4.53 -11.96
CA SER A 81 -4.33 -4.36 -13.18
C SER A 81 -4.64 -2.90 -13.46
N MET A 82 -4.49 -2.03 -12.46
CA MET A 82 -4.83 -0.61 -12.58
C MET A 82 -3.62 0.26 -12.90
N LYS A 83 -2.55 0.16 -12.10
CA LYS A 83 -1.34 0.90 -12.43
C LYS A 83 -0.80 0.49 -13.80
N GLU A 84 -1.10 -0.74 -14.23
CA GLU A 84 -0.77 -1.16 -15.58
C GLU A 84 -1.74 -0.60 -16.62
N MET A 85 -2.99 -0.37 -16.23
CA MET A 85 -3.97 0.22 -17.15
C MET A 85 -3.97 1.73 -17.07
N ALA A 86 -3.63 2.28 -15.91
CA ALA A 86 -3.42 3.73 -15.82
C ALA A 86 -2.40 4.21 -16.82
N GLN A 87 -1.37 3.40 -17.09
CA GLN A 87 -0.43 3.70 -18.16
C GLN A 87 -1.00 3.33 -19.52
N THR A 88 -1.83 2.29 -19.59
CA THR A 88 -2.53 1.99 -20.84
C THR A 88 -3.44 3.14 -21.23
N LEU A 89 -4.11 3.74 -20.24
CA LEU A 89 -4.93 4.92 -20.52
C LEU A 89 -4.07 6.14 -20.77
N ALA A 90 -2.96 6.27 -20.05
CA ALA A 90 -2.08 7.42 -20.24
C ALA A 90 -1.45 7.41 -21.64
N ASN A 91 -1.12 6.21 -22.14
CA ASN A 91 -0.53 6.12 -23.47
C ASN A 91 -1.54 6.42 -24.58
N ALA A 92 -2.83 6.26 -24.31
CA ALA A 92 -3.86 6.39 -25.34
C ALA A 92 -4.54 7.75 -25.36
N TYR A 93 -4.29 8.60 -24.36
CA TYR A 93 -4.98 9.89 -24.25
C TYR A 93 -4.06 11.09 -24.18
N LYS A 94 -2.75 10.91 -24.02
CA LYS A 94 -1.89 12.05 -23.68
C LYS A 94 -1.47 12.86 -24.89
N THR A 95 -1.44 12.25 -26.09
CA THR A 95 -1.12 13.02 -27.29
C THR A 95 -2.38 13.69 -27.86
N LEU A 96 -3.55 13.13 -27.57
CA LEU A 96 -4.79 13.57 -28.18
C LEU A 96 -5.06 15.05 -27.93
N LYS A 97 -5.84 15.65 -28.84
CA LYS A 97 -6.24 17.04 -28.76
C LYS A 97 -7.73 17.13 -28.98
N HIS A 98 -8.42 17.82 -28.07
CA HIS A 98 -9.86 18.02 -28.22
C HIS A 98 -10.24 19.49 -28.02
N ARG A 99 -11.53 19.76 -27.85
CA ARG A 99 -12.01 21.14 -27.86
C ARG A 99 -11.47 21.91 -26.65
N ASP A 100 -10.98 23.12 -26.92
CA ASP A 100 -10.50 24.01 -25.86
C ASP A 100 -11.69 24.62 -25.13
N THR A 101 -11.64 24.60 -23.80
CA THR A 101 -12.63 25.26 -22.98
C THR A 101 -12.04 26.27 -22.01
N HIS A 102 -10.74 26.20 -21.73
CA HIS A 102 -10.08 27.22 -20.91
C HIS A 102 -10.21 28.59 -21.57
N ASN A 103 -9.72 28.71 -22.80
CA ASN A 103 -9.95 29.87 -23.65
C ASN A 103 -10.86 29.40 -24.78
N LYS A 104 -12.18 29.51 -24.56
CA LYS A 104 -13.15 29.04 -25.56
C LYS A 104 -13.19 29.96 -26.77
N GLY A 105 -12.63 31.15 -26.67
CA GLY A 105 -12.38 31.99 -27.83
C GLY A 105 -11.14 31.53 -28.57
N ASN A 106 -11.14 30.25 -28.94
CA ASN A 106 -10.01 29.59 -29.60
C ASN A 106 -10.58 28.58 -30.58
N SER A 107 -10.25 28.72 -31.87
CA SER A 107 -10.75 27.82 -32.90
C SER A 107 -9.91 26.56 -33.07
N ALA A 108 -8.82 26.42 -32.33
CA ALA A 108 -7.95 25.26 -32.46
C ALA A 108 -8.12 24.30 -31.29
N LEU A 109 -7.76 23.04 -31.54
CA LEU A 109 -7.84 22.00 -30.51
C LEU A 109 -6.65 22.10 -29.57
N ALA A 110 -6.92 22.13 -28.28
CA ALA A 110 -5.85 22.11 -27.29
C ALA A 110 -5.56 20.67 -26.88
N PRO A 111 -4.34 20.38 -26.41
CA PRO A 111 -4.04 19.02 -25.96
C PRO A 111 -4.76 18.69 -24.66
N ILE A 112 -4.42 17.55 -24.05
CA ILE A 112 -5.02 17.15 -22.78
C ILE A 112 -4.12 17.71 -21.68
N THR A 113 -4.46 18.90 -21.19
CA THR A 113 -3.75 19.58 -20.13
C THR A 113 -4.64 19.62 -18.88
N ASP A 114 -4.17 20.33 -17.85
CA ASP A 114 -5.03 20.59 -16.71
C ASP A 114 -6.12 21.60 -17.04
N GLU A 115 -5.94 22.37 -18.11
CA GLU A 115 -6.98 23.32 -18.53
C GLU A 115 -8.13 22.59 -19.21
N ASN A 116 -7.82 21.54 -19.97
CA ASN A 116 -8.82 20.70 -20.62
C ASN A 116 -8.48 19.25 -20.31
N PRO A 117 -8.97 18.72 -19.20
CA PRO A 117 -8.66 17.33 -18.84
C PRO A 117 -9.69 16.36 -19.40
N LEU A 118 -9.26 15.10 -19.50
CA LEU A 118 -10.14 14.05 -19.97
C LEU A 118 -11.32 13.89 -19.02
N ILE A 119 -12.51 13.70 -19.59
CA ILE A 119 -13.75 13.63 -18.81
C ILE A 119 -14.02 12.17 -18.45
N ILE A 120 -14.17 11.91 -17.15
CA ILE A 120 -14.46 10.57 -16.65
C ILE A 120 -15.86 10.57 -16.04
N ILE A 121 -16.69 9.64 -16.48
CA ILE A 121 -18.05 9.47 -15.99
C ILE A 121 -18.11 8.13 -15.25
N SER A 122 -18.20 8.17 -13.93
CA SER A 122 -18.25 6.97 -13.11
C SER A 122 -19.70 6.59 -12.84
N VAL A 123 -20.00 5.29 -12.96
CA VAL A 123 -21.36 4.78 -12.86
C VAL A 123 -21.59 4.32 -11.43
N LEU A 124 -22.32 5.14 -10.67
CA LEU A 124 -22.74 4.77 -9.32
C LEU A 124 -23.65 3.55 -9.36
N LYS A 125 -23.65 2.76 -8.29
CA LYS A 125 -22.91 3.03 -7.05
C LYS A 125 -21.66 2.17 -6.90
N GLY A 126 -21.42 1.31 -7.89
CA GLY A 126 -20.42 0.26 -7.74
C GLY A 126 -18.99 0.64 -8.08
N SER A 127 -18.81 1.63 -8.95
CA SER A 127 -17.49 1.97 -9.47
C SER A 127 -16.84 3.13 -8.73
N TYR A 128 -17.34 3.51 -7.56
CA TYR A 128 -16.75 4.63 -6.85
C TYR A 128 -15.45 4.25 -6.15
N ILE A 129 -15.32 3.00 -5.71
CA ILE A 129 -14.04 2.53 -5.19
C ILE A 129 -13.06 2.31 -6.34
N PHE A 130 -13.55 1.69 -7.43
CA PHE A 130 -12.71 1.46 -8.60
C PHE A 130 -12.22 2.77 -9.19
N THR A 131 -13.05 3.82 -9.16
CA THR A 131 -12.64 5.10 -9.72
C THR A 131 -11.66 5.81 -8.80
N ALA A 132 -11.95 5.87 -7.50
CA ALA A 132 -11.08 6.56 -6.57
C ALA A 132 -9.67 5.98 -6.58
N ASP A 133 -9.56 4.66 -6.75
CA ASP A 133 -8.24 4.06 -6.93
C ASP A 133 -7.67 4.35 -8.31
N MET A 134 -8.54 4.45 -9.32
CA MET A 134 -8.07 4.61 -10.69
C MET A 134 -7.51 6.01 -10.92
N VAL A 135 -8.28 7.05 -10.57
CA VAL A 135 -7.85 8.41 -10.85
C VAL A 135 -6.61 8.76 -10.03
N ARG A 136 -6.41 8.09 -8.90
CA ARG A 136 -5.15 8.25 -8.17
C ARG A 136 -3.99 7.65 -8.96
N TYR A 137 -4.24 6.56 -9.69
CA TYR A 137 -3.18 5.98 -10.52
C TYR A 137 -2.91 6.82 -11.75
N LEU A 138 -3.96 7.44 -12.32
CA LEU A 138 -3.77 8.28 -13.50
C LEU A 138 -2.90 9.50 -13.19
N GLY A 139 -2.97 10.00 -11.96
CA GLY A 139 -2.08 11.07 -11.56
C GLY A 139 -0.63 10.63 -11.49
N ASP A 140 -0.38 9.38 -11.10
CA ASP A 140 0.97 8.85 -11.11
C ASP A 140 1.54 8.81 -12.53
N CYS A 141 0.68 8.54 -13.51
CA CYS A 141 1.10 8.50 -14.91
C CYS A 141 1.01 9.86 -15.59
N GLY A 142 0.45 10.86 -14.91
CA GLY A 142 0.48 12.22 -15.41
C GLY A 142 -0.64 12.61 -16.36
N LEU A 143 -1.67 11.77 -16.50
CA LEU A 143 -2.81 12.11 -17.34
C LEU A 143 -3.83 12.88 -16.52
N PRO A 144 -4.00 14.19 -16.74
CA PRO A 144 -4.95 14.95 -15.94
C PRO A 144 -6.39 14.57 -16.30
N ASN A 145 -7.25 14.60 -15.29
CA ASN A 145 -8.63 14.17 -15.46
C ASN A 145 -9.52 14.91 -14.48
N VAL A 146 -10.81 14.92 -14.79
CA VAL A 146 -11.85 15.43 -13.90
C VAL A 146 -13.01 14.43 -13.94
N VAL A 147 -13.58 14.15 -12.76
CA VAL A 147 -14.51 13.05 -12.59
C VAL A 147 -15.87 13.59 -12.19
N ASP A 148 -16.93 13.03 -12.79
CA ASP A 148 -18.30 13.26 -12.38
C ASP A 148 -19.05 11.94 -12.43
N PHE A 149 -20.17 11.88 -11.74
CA PHE A 149 -20.87 10.62 -11.48
C PHE A 149 -22.22 10.58 -12.18
N ILE A 150 -22.75 9.36 -12.27
CA ILE A 150 -24.02 9.07 -12.94
C ILE A 150 -24.67 7.90 -12.23
N ARG A 151 -25.99 7.99 -12.02
CA ARG A 151 -26.75 6.93 -11.38
C ARG A 151 -27.83 6.44 -12.33
N ILE A 152 -27.76 5.16 -12.69
CA ILE A 152 -28.67 4.55 -13.66
C ILE A 152 -29.24 3.28 -13.03
N THR A 153 -30.34 2.81 -13.60
CA THR A 153 -30.89 1.49 -13.26
C THR A 153 -31.21 0.71 -14.52
N GLN A 166 -32.36 6.29 -19.09
CA GLN A 166 -32.58 5.58 -17.83
C GLN A 166 -31.91 6.32 -16.67
N VAL A 167 -31.69 7.62 -16.86
CA VAL A 167 -30.93 8.39 -15.88
C VAL A 167 -31.75 8.57 -14.61
N LEU A 168 -31.15 8.22 -13.47
CA LEU A 168 -31.73 8.48 -12.15
C LEU A 168 -31.13 9.74 -11.54
N ASP A 169 -29.83 9.74 -11.26
CA ASP A 169 -29.08 10.93 -10.90
C ASP A 169 -28.14 11.26 -12.05
N ASN A 170 -27.95 12.56 -12.31
CA ASN A 170 -27.34 13.02 -13.54
C ASN A 170 -26.03 13.75 -13.28
N LEU A 171 -25.25 13.89 -14.35
CA LEU A 171 -24.00 14.63 -14.32
C LEU A 171 -24.23 16.10 -13.96
N ARG A 172 -23.18 16.72 -13.43
CA ARG A 172 -23.12 18.17 -13.30
C ARG A 172 -22.28 18.80 -14.41
N PHE A 173 -21.51 18.00 -15.14
CA PHE A 173 -20.74 18.52 -16.26
C PHE A 173 -21.66 18.90 -17.41
N THR A 174 -21.28 19.94 -18.14
CA THR A 174 -22.14 20.43 -19.22
C THR A 174 -21.43 20.48 -20.57
N GLU A 175 -20.15 20.82 -20.61
CA GLU A 175 -19.42 20.95 -21.87
C GLU A 175 -18.63 19.67 -22.11
N LEU A 176 -19.33 18.67 -22.66
CA LEU A 176 -18.71 17.44 -23.15
C LEU A 176 -18.62 17.39 -24.67
N THR A 177 -19.21 18.36 -25.36
CA THR A 177 -19.21 18.37 -26.81
C THR A 177 -17.79 18.57 -27.34
N GLY A 178 -17.38 17.67 -28.24
CA GLY A 178 -16.05 17.75 -28.80
C GLY A 178 -14.94 17.41 -27.83
N LYS A 179 -15.24 16.60 -26.81
CA LYS A 179 -14.26 16.23 -25.79
C LYS A 179 -13.98 14.74 -25.86
N HIS A 180 -12.92 14.33 -25.16
CA HIS A 180 -12.58 12.93 -24.97
C HIS A 180 -13.14 12.49 -23.63
N VAL A 181 -14.13 11.61 -23.65
CA VAL A 181 -14.82 11.18 -22.44
C VAL A 181 -14.55 9.69 -22.21
N LEU A 182 -14.65 9.29 -20.95
CA LEU A 182 -14.21 7.95 -20.52
C LEU A 182 -15.12 7.48 -19.40
N ILE A 183 -15.96 6.50 -19.67
CA ILE A 183 -16.83 5.94 -18.64
C ILE A 183 -16.05 4.96 -17.78
N MET A 184 -16.20 5.07 -16.46
CA MET A 184 -15.54 4.20 -15.50
C MET A 184 -16.62 3.35 -14.84
N GLU A 185 -16.69 2.08 -15.21
CA GLU A 185 -17.71 1.16 -14.74
C GLU A 185 -17.07 0.00 -14.01
N ASP A 186 -17.83 -0.61 -13.09
CA ASP A 186 -17.30 -1.70 -12.27
C ASP A 186 -17.19 -3.00 -13.06
N ILE A 187 -18.22 -3.35 -13.83
CA ILE A 187 -18.25 -4.65 -14.52
C ILE A 187 -19.23 -4.56 -15.67
N ALA A 188 -18.93 -5.32 -16.74
CA ALA A 188 -19.82 -5.47 -17.88
C ALA A 188 -20.15 -6.96 -18.03
N ASP A 189 -21.40 -7.31 -17.79
CA ASP A 189 -21.85 -8.70 -17.90
C ASP A 189 -22.66 -8.87 -19.18
N THR A 190 -23.94 -8.48 -19.12
CA THR A 190 -24.80 -8.58 -20.28
C THR A 190 -24.43 -7.55 -21.35
N GLY A 191 -23.83 -6.44 -20.94
CA GLY A 191 -23.50 -5.37 -21.85
C GLY A 191 -24.61 -4.37 -22.08
N ARG A 192 -25.84 -4.69 -21.69
CA ARG A 192 -26.98 -3.84 -22.00
C ARG A 192 -26.90 -2.49 -21.28
N THR A 193 -26.38 -2.48 -20.04
CA THR A 193 -26.34 -1.24 -19.28
C THR A 193 -25.39 -0.22 -19.89
N MET A 194 -24.23 -0.68 -20.36
CA MET A 194 -23.26 0.22 -20.96
C MET A 194 -23.47 0.42 -22.45
N LYS A 195 -24.09 -0.55 -23.13
CA LYS A 195 -24.45 -0.36 -24.54
C LYS A 195 -25.38 0.83 -24.70
N LEU A 196 -26.41 0.92 -23.86
CA LEU A 196 -27.35 2.02 -23.96
C LEU A 196 -26.76 3.32 -23.41
N LEU A 197 -25.93 3.22 -22.37
CA LEU A 197 -25.41 4.43 -21.73
C LEU A 197 -24.49 5.20 -22.66
N VAL A 198 -23.69 4.50 -23.46
CA VAL A 198 -22.84 5.23 -24.38
C VAL A 198 -23.65 5.76 -25.55
N GLU A 199 -24.72 5.05 -25.96
CA GLU A 199 -25.61 5.60 -26.97
C GLU A 199 -26.18 6.93 -26.51
N LYS A 200 -26.66 6.96 -25.26
CA LYS A 200 -27.32 8.16 -24.74
C LYS A 200 -26.33 9.29 -24.54
N ILE A 201 -25.11 8.98 -24.08
CA ILE A 201 -24.10 10.02 -23.92
C ILE A 201 -23.64 10.51 -25.29
N ARG A 202 -23.28 9.58 -26.18
CA ARG A 202 -22.83 9.96 -27.52
C ARG A 202 -23.91 10.72 -28.27
N ARG A 203 -25.19 10.46 -27.97
CA ARG A 203 -26.27 11.13 -28.68
C ARG A 203 -26.41 12.59 -28.24
N GLU A 204 -26.62 12.81 -26.95
CA GLU A 204 -26.95 14.14 -26.45
C GLU A 204 -25.76 15.06 -26.31
N TYR A 205 -24.55 14.52 -26.19
CA TYR A 205 -23.36 15.32 -25.96
C TYR A 205 -22.45 15.42 -27.18
N ARG A 206 -22.35 14.35 -27.97
CA ARG A 206 -21.50 14.28 -29.16
C ARG A 206 -20.05 14.59 -28.82
N PRO A 207 -19.37 13.72 -28.07
CA PRO A 207 -17.97 13.98 -27.73
C PRO A 207 -17.04 13.57 -28.86
N ALA A 208 -15.80 14.09 -28.79
CA ALA A 208 -14.79 13.66 -29.76
C ALA A 208 -14.50 12.17 -29.62
N SER A 209 -14.61 11.64 -28.40
CA SER A 209 -14.46 10.20 -28.17
C SER A 209 -15.13 9.85 -26.85
N LEU A 210 -15.78 8.68 -26.82
CA LEU A 210 -16.35 8.14 -25.60
C LEU A 210 -16.06 6.64 -25.58
N LYS A 211 -15.08 6.25 -24.78
CA LYS A 211 -14.72 4.85 -24.59
C LYS A 211 -14.97 4.46 -23.14
N VAL A 212 -15.07 3.16 -22.90
CA VAL A 212 -15.43 2.63 -21.59
C VAL A 212 -14.26 1.86 -21.02
N CYS A 213 -14.00 2.06 -19.73
CA CYS A 213 -12.98 1.33 -18.99
C CYS A 213 -13.64 0.67 -17.78
N VAL A 214 -13.61 -0.66 -17.73
CA VAL A 214 -14.21 -1.40 -16.65
C VAL A 214 -13.15 -2.27 -15.98
N LEU A 215 -13.39 -2.60 -14.72
CA LEU A 215 -12.45 -3.42 -13.96
C LEU A 215 -12.57 -4.89 -14.33
N VAL A 216 -13.78 -5.44 -14.21
CA VAL A 216 -14.06 -6.84 -14.48
C VAL A 216 -14.92 -6.94 -15.72
N ASP A 217 -14.68 -7.96 -16.54
CA ASP A 217 -15.42 -8.14 -17.78
C ASP A 217 -15.66 -9.63 -18.00
N LYS A 218 -16.91 -10.06 -17.85
CA LYS A 218 -17.30 -11.42 -18.18
C LYS A 218 -17.95 -11.40 -19.56
N PRO A 219 -17.23 -11.75 -20.63
CA PRO A 219 -17.81 -11.69 -21.98
C PRO A 219 -18.72 -12.86 -22.32
N GLY A 220 -19.05 -13.71 -21.36
CA GLY A 220 -19.87 -14.87 -21.63
C GLY A 220 -21.36 -14.63 -21.39
N GLY A 221 -21.68 -13.56 -20.67
CA GLY A 221 -23.06 -13.28 -20.35
C GLY A 221 -23.69 -12.23 -21.25
N ARG A 222 -23.05 -11.97 -22.39
CA ARG A 222 -23.47 -10.90 -23.26
C ARG A 222 -24.74 -11.27 -24.02
N VAL A 223 -25.80 -10.47 -23.83
CA VAL A 223 -26.99 -10.58 -24.67
C VAL A 223 -26.84 -9.73 -25.93
N VAL A 224 -26.08 -8.63 -25.85
CA VAL A 224 -25.85 -7.75 -26.99
C VAL A 224 -24.36 -7.64 -27.25
N ASP A 225 -23.97 -6.78 -28.18
CA ASP A 225 -22.57 -6.58 -28.55
C ASP A 225 -22.06 -5.34 -27.82
N PHE A 226 -21.36 -5.55 -26.72
CA PHE A 226 -20.62 -4.50 -26.03
C PHE A 226 -19.23 -5.00 -25.72
N LYS A 227 -18.22 -4.38 -26.33
CA LYS A 227 -16.83 -4.77 -26.12
C LYS A 227 -16.07 -3.57 -25.55
N PRO A 228 -15.83 -3.52 -24.25
CA PRO A 228 -15.16 -2.36 -23.65
C PRO A 228 -13.74 -2.21 -24.18
N GLU A 229 -13.37 -0.95 -24.44
CA GLU A 229 -12.08 -0.66 -25.07
C GLU A 229 -10.90 -0.89 -24.14
N PHE A 230 -11.13 -0.86 -22.82
CA PHE A 230 -10.07 -1.01 -21.83
C PHE A 230 -10.59 -1.87 -20.69
N VAL A 231 -10.00 -3.04 -20.49
CA VAL A 231 -10.45 -4.00 -19.49
C VAL A 231 -9.29 -4.40 -18.59
N CYS A 232 -9.47 -4.26 -17.29
CA CYS A 232 -8.43 -4.62 -16.33
C CYS A 232 -8.41 -6.11 -16.04
N LEU A 233 -9.59 -6.72 -15.86
CA LEU A 233 -9.69 -8.13 -15.51
C LEU A 233 -10.79 -8.80 -16.31
N THR A 234 -10.57 -10.06 -16.65
CA THR A 234 -11.57 -10.90 -17.31
C THR A 234 -11.91 -12.06 -16.38
N ALA A 235 -13.17 -12.15 -15.99
CA ALA A 235 -13.65 -13.11 -15.01
C ALA A 235 -14.58 -14.14 -15.64
N PRO A 236 -14.83 -15.25 -14.96
CA PRO A 236 -15.82 -16.21 -15.44
C PRO A 236 -17.23 -15.62 -15.44
N THR A 237 -18.13 -16.33 -16.12
CA THR A 237 -19.54 -15.92 -16.19
C THR A 237 -20.23 -16.32 -14.88
N ARG A 238 -19.89 -15.57 -13.83
CA ARG A 238 -20.40 -15.83 -12.49
C ARG A 238 -20.65 -14.50 -11.79
N TYR A 239 -21.51 -14.54 -10.77
CA TYR A 239 -21.75 -13.37 -9.95
C TYR A 239 -20.62 -13.21 -8.94
N VAL A 240 -19.89 -12.11 -9.02
CA VAL A 240 -18.74 -11.88 -8.17
C VAL A 240 -19.08 -10.79 -7.16
N VAL A 241 -18.41 -10.86 -6.00
CA VAL A 241 -18.58 -9.89 -4.94
C VAL A 241 -17.22 -9.40 -4.49
N GLY A 242 -17.21 -8.21 -3.91
CA GLY A 242 -15.99 -7.55 -3.50
C GLY A 242 -15.67 -6.36 -4.38
N TYR A 243 -14.64 -5.62 -3.94
CA TYR A 243 -14.14 -4.41 -4.59
C TYR A 243 -15.20 -3.64 -5.37
N GLY A 244 -16.32 -3.32 -4.72
CA GLY A 244 -17.39 -2.58 -5.33
C GLY A 244 -18.60 -3.42 -5.71
N PHE A 245 -18.44 -4.72 -5.85
CA PHE A 245 -19.55 -5.58 -6.22
C PHE A 245 -20.36 -5.96 -4.98
N GLU A 246 -21.68 -6.04 -5.14
CA GLU A 246 -22.60 -6.02 -4.02
C GLU A 246 -23.61 -7.14 -4.09
N VAL A 247 -24.16 -7.46 -2.92
CA VAL A 247 -25.40 -8.24 -2.80
C VAL A 247 -26.24 -7.46 -1.79
N ASN A 248 -27.08 -6.55 -2.29
CA ASN A 248 -27.80 -5.59 -1.45
C ASN A 248 -26.81 -4.75 -0.65
N ASP A 249 -25.81 -4.21 -1.35
CA ASP A 249 -24.75 -3.35 -0.83
C ASP A 249 -23.80 -4.05 0.14
N ARG A 250 -23.94 -5.36 0.34
CA ARG A 250 -23.02 -6.09 1.20
C ARG A 250 -21.78 -6.51 0.43
N TYR A 251 -20.69 -6.71 1.16
CA TYR A 251 -19.41 -7.17 0.64
C TYR A 251 -18.78 -6.19 -0.34
N ARG A 252 -19.30 -4.97 -0.45
CA ARG A 252 -18.72 -3.98 -1.35
C ARG A 252 -17.32 -3.59 -0.89
N ASN A 253 -17.11 -3.51 0.42
CA ASN A 253 -15.87 -3.01 1.00
C ASN A 253 -14.81 -4.09 1.16
N TYR A 254 -14.95 -5.22 0.47
CA TYR A 254 -13.94 -6.27 0.52
C TYR A 254 -12.90 -6.01 -0.55
N ARG A 255 -11.63 -6.15 -0.15
CA ARG A 255 -10.51 -5.75 -1.00
C ARG A 255 -10.28 -6.68 -2.19
N HIS A 256 -10.92 -7.83 -2.23
CA HIS A 256 -10.71 -8.81 -3.27
C HIS A 256 -12.04 -9.18 -3.91
N VAL A 257 -11.98 -9.61 -5.17
CA VAL A 257 -13.16 -10.00 -5.93
C VAL A 257 -13.32 -11.51 -5.81
N PHE A 258 -14.34 -11.95 -5.07
CA PHE A 258 -14.63 -13.36 -4.90
C PHE A 258 -15.87 -13.73 -5.70
N VAL A 259 -15.93 -15.00 -6.10
CA VAL A 259 -17.17 -15.56 -6.65
C VAL A 259 -18.08 -15.92 -5.47
N LEU A 260 -19.25 -15.31 -5.42
CA LEU A 260 -20.14 -15.52 -4.30
C LEU A 260 -20.73 -16.92 -4.34
N LYS A 261 -20.78 -17.55 -3.17
CA LYS A 261 -21.52 -18.79 -3.00
C LYS A 261 -22.97 -18.57 -3.41
N PRO A 262 -23.50 -19.32 -4.38
CA PRO A 262 -24.91 -19.12 -4.77
C PRO A 262 -25.87 -19.22 -3.60
N GLU A 263 -25.51 -19.97 -2.56
CA GLU A 263 -26.35 -20.06 -1.36
C GLU A 263 -26.60 -18.72 -0.70
N TYR A 264 -25.84 -17.68 -1.06
CA TYR A 264 -25.98 -16.35 -0.51
C TYR A 264 -26.73 -15.41 -1.45
N ALA A 265 -27.40 -15.93 -2.47
CA ALA A 265 -27.89 -15.12 -3.57
C ALA A 265 -28.86 -14.03 -3.09
N LYS A 266 -29.84 -14.41 -2.26
CA LYS A 266 -30.75 -13.44 -1.69
C LYS A 266 -30.68 -13.49 -0.17
N ARG A 267 -29.47 -13.30 0.37
CA ARG A 267 -29.25 -13.41 1.81
C ARG A 267 -29.79 -12.21 2.58
N TYR A 268 -29.85 -11.04 1.94
CA TYR A 268 -30.34 -9.81 2.56
C TYR A 268 -31.44 -9.23 1.70
N PRO A 269 -32.67 -9.73 1.87
CA PRO A 269 -33.79 -9.27 1.02
C PRO A 269 -34.45 -7.99 1.50
N SER A 270 -34.18 -7.56 2.74
CA SER A 270 -34.82 -6.37 3.28
C SER A 270 -34.30 -5.12 2.58
N LYS A 271 -35.23 -4.25 2.20
CA LYS A 271 -34.84 -3.00 1.55
C LYS A 271 -34.16 -2.07 2.55
N LEU A 272 -33.22 -1.28 2.05
CA LEU A 272 -32.49 -0.34 2.88
C LEU A 272 -33.05 1.08 2.71
N PRO B 44 5.10 -0.98 10.31
CA PRO B 44 5.89 0.26 10.33
C PRO B 44 5.49 1.27 9.25
N LEU B 45 5.37 2.53 9.67
CA LEU B 45 4.99 3.62 8.78
C LEU B 45 6.18 4.04 7.92
N LYS B 46 5.97 4.12 6.60
CA LYS B 46 6.96 4.63 5.66
C LYS B 46 6.52 6.01 5.19
N PRO B 47 6.94 7.08 5.84
CA PRO B 47 6.46 8.42 5.46
C PRO B 47 7.01 8.87 4.13
N ASN B 48 6.25 9.72 3.45
CA ASN B 48 6.68 10.33 2.20
C ASN B 48 7.60 11.51 2.49
N PHE B 49 8.73 11.57 1.79
CA PHE B 49 9.66 12.67 1.96
C PHE B 49 9.16 13.90 1.21
N VAL B 50 9.34 15.07 1.82
CA VAL B 50 8.83 16.32 1.30
C VAL B 50 10.00 17.28 1.11
N GLY B 51 10.39 17.50 -0.15
CA GLY B 51 11.48 18.42 -0.46
C GLY B 51 11.03 19.58 -1.32
N ARG B 52 11.91 20.05 -2.20
CA ARG B 52 11.60 21.16 -3.09
C ARG B 52 12.20 20.93 -4.46
N ASP B 53 11.67 21.67 -5.44
CA ASP B 53 12.09 21.54 -6.82
C ASP B 53 13.40 22.27 -7.07
N ALA B 54 13.85 22.26 -8.32
CA ALA B 54 14.85 23.22 -8.77
C ALA B 54 14.20 24.58 -8.99
N ASP B 55 12.93 24.60 -9.39
CA ASP B 55 12.17 25.84 -9.46
C ASP B 55 11.76 26.36 -8.09
N GLY B 56 11.75 25.50 -7.08
CA GLY B 56 11.36 25.89 -5.74
C GLY B 56 9.95 25.53 -5.34
N ASN B 57 9.32 24.59 -6.01
CA ASN B 57 7.96 24.18 -5.69
C ASN B 57 7.95 23.03 -4.70
N VAL B 58 6.77 22.77 -4.13
CA VAL B 58 6.62 21.69 -3.17
C VAL B 58 6.85 20.35 -3.86
N THR B 59 7.70 19.51 -3.26
CA THR B 59 8.02 18.20 -3.80
C THR B 59 7.73 17.14 -2.74
N VAL B 60 6.94 16.14 -3.12
CA VAL B 60 6.67 14.98 -2.28
C VAL B 60 7.04 13.74 -3.06
N ASP B 61 8.05 13.01 -2.57
CA ASP B 61 8.55 11.80 -3.24
C ASP B 61 9.06 12.11 -4.64
N GLY B 62 9.82 13.20 -4.76
CA GLY B 62 10.40 13.59 -6.04
C GLY B 62 9.44 14.20 -7.03
N ARG B 63 8.13 14.06 -6.81
CA ARG B 63 7.15 14.64 -7.72
C ARG B 63 6.83 16.07 -7.31
N SER B 64 6.66 16.93 -8.32
CA SER B 64 6.50 18.36 -8.09
C SER B 64 5.03 18.74 -7.98
N TYR B 65 4.77 19.79 -7.21
CA TYR B 65 3.41 20.30 -7.01
C TYR B 65 3.47 21.82 -6.99
N PRO B 66 3.45 22.46 -8.17
CA PRO B 66 3.44 23.94 -8.19
C PRO B 66 2.17 24.53 -7.64
N MET B 67 1.08 23.76 -7.57
CA MET B 67 -0.16 24.25 -6.98
C MET B 67 -0.02 24.58 -5.49
N ALA B 68 0.96 23.98 -4.83
CA ALA B 68 0.98 23.89 -3.38
C ALA B 68 1.87 24.96 -2.76
N GLU B 69 1.40 25.49 -1.62
CA GLU B 69 2.18 26.37 -0.77
C GLU B 69 2.88 25.63 0.36
N SER B 70 2.21 24.63 0.94
CA SER B 70 2.81 23.75 1.93
C SER B 70 2.14 22.38 1.80
N VAL B 71 2.40 21.50 2.76
CA VAL B 71 1.82 20.16 2.81
C VAL B 71 1.11 20.00 4.14
N VAL B 72 -0.21 19.86 4.11
CA VAL B 72 -0.96 19.60 5.33
C VAL B 72 -0.58 18.23 5.89
N ALA B 73 -0.70 17.19 5.07
CA ALA B 73 -0.36 15.83 5.46
C ALA B 73 -0.24 15.00 4.20
N THR B 74 0.76 14.13 4.16
CA THR B 74 0.96 13.28 3.00
C THR B 74 0.24 11.96 3.18
N GLU B 75 0.19 11.18 2.09
CA GLU B 75 -0.51 9.90 2.08
C GLU B 75 -0.07 9.02 3.24
N SER B 76 1.20 9.08 3.60
CA SER B 76 1.67 8.33 4.77
C SER B 76 0.84 8.68 6.00
N THR B 77 0.73 9.98 6.33
CA THR B 77 0.04 10.39 7.56
C THR B 77 -1.47 10.32 7.40
N ILE B 78 -1.98 10.55 6.19
CA ILE B 78 -3.41 10.52 5.95
C ILE B 78 -3.96 9.10 6.11
N HIS B 79 -3.21 8.09 5.63
CA HIS B 79 -3.74 6.73 5.59
C HIS B 79 -3.74 6.09 6.97
N ARG B 80 -2.66 6.25 7.74
CA ARG B 80 -2.66 5.74 9.11
C ARG B 80 -3.70 6.46 9.96
N SER B 81 -4.02 7.71 9.61
CA SER B 81 -5.04 8.44 10.33
C SER B 81 -6.40 7.75 10.21
N MET B 82 -6.69 7.17 9.04
CA MET B 82 -7.97 6.50 8.85
C MET B 82 -7.99 5.12 9.49
N LYS B 83 -6.86 4.41 9.50
CA LYS B 83 -6.81 3.14 10.20
C LYS B 83 -6.88 3.32 11.71
N GLU B 84 -6.60 4.52 12.21
CA GLU B 84 -6.81 4.85 13.61
C GLU B 84 -8.23 5.31 13.88
N MET B 85 -8.95 5.77 12.87
CA MET B 85 -10.37 6.08 13.01
C MET B 85 -11.25 4.87 12.73
N ALA B 86 -10.83 4.01 11.80
CA ALA B 86 -11.59 2.80 11.51
C ALA B 86 -11.75 1.93 12.75
N GLN B 87 -10.76 1.95 13.65
CA GLN B 87 -10.93 1.27 14.94
C GLN B 87 -11.67 2.17 15.93
N THR B 88 -11.41 3.47 15.88
CA THR B 88 -12.20 4.41 16.68
C THR B 88 -13.67 4.33 16.30
N LEU B 89 -13.96 4.22 15.00
CA LEU B 89 -15.34 4.02 14.56
C LEU B 89 -15.84 2.63 14.95
N ALA B 90 -14.95 1.63 14.91
CA ALA B 90 -15.36 0.26 15.23
C ALA B 90 -15.80 0.16 16.68
N ASN B 91 -14.91 0.55 17.61
CA ASN B 91 -15.23 0.42 19.04
C ASN B 91 -16.50 1.17 19.41
N ALA B 92 -16.83 2.23 18.67
CA ALA B 92 -18.03 3.01 18.97
C ALA B 92 -19.31 2.41 18.40
N TYR B 93 -19.21 1.44 17.50
CA TYR B 93 -20.39 0.91 16.82
C TYR B 93 -20.55 -0.61 16.89
N LYS B 94 -19.55 -1.35 17.36
CA LYS B 94 -19.60 -2.80 17.23
C LYS B 94 -20.53 -3.43 18.27
N THR B 95 -20.44 -3.00 19.53
CA THR B 95 -21.31 -3.54 20.58
C THR B 95 -22.57 -2.70 20.78
N LEU B 96 -23.11 -2.13 19.71
CA LEU B 96 -24.33 -1.35 19.75
C LEU B 96 -25.46 -2.10 19.05
N LYS B 97 -26.68 -1.62 19.25
CA LYS B 97 -27.87 -2.19 18.62
C LYS B 97 -28.73 -1.06 18.10
N HIS B 98 -29.71 -1.42 17.27
CA HIS B 98 -30.67 -0.46 16.72
C HIS B 98 -31.83 -1.27 16.13
N ARG B 99 -32.66 -0.59 15.34
CA ARG B 99 -33.86 -1.22 14.77
C ARG B 99 -33.49 -2.43 13.93
N ASP B 100 -34.32 -3.47 14.01
CA ASP B 100 -34.13 -4.70 13.25
C ASP B 100 -35.03 -4.64 12.03
N THR B 101 -34.44 -4.38 10.87
CA THR B 101 -35.16 -4.41 9.59
C THR B 101 -34.98 -5.73 8.85
N HIS B 102 -34.04 -6.56 9.28
CA HIS B 102 -33.88 -7.89 8.70
C HIS B 102 -34.96 -8.84 9.22
N ASN B 103 -35.01 -9.02 10.53
CA ASN B 103 -36.10 -9.75 11.18
C ASN B 103 -37.10 -8.79 11.82
N LYS B 104 -37.69 -7.95 10.95
CA LYS B 104 -38.59 -6.91 11.42
C LYS B 104 -39.93 -7.44 11.90
N GLY B 105 -40.21 -8.74 11.71
CA GLY B 105 -41.36 -9.34 12.34
C GLY B 105 -41.24 -9.51 13.84
N ASN B 106 -40.07 -9.19 14.40
CA ASN B 106 -39.81 -9.27 15.83
C ASN B 106 -39.62 -7.86 16.40
N SER B 107 -39.49 -7.79 17.73
CA SER B 107 -39.52 -6.52 18.43
C SER B 107 -38.20 -6.12 19.08
N ALA B 108 -37.30 -7.06 19.32
CA ALA B 108 -36.09 -6.77 20.07
C ALA B 108 -35.11 -5.96 19.23
N LEU B 109 -34.10 -5.41 19.91
CA LEU B 109 -33.01 -4.69 19.25
C LEU B 109 -31.92 -5.69 18.84
N ALA B 110 -31.34 -5.45 17.67
CA ALA B 110 -30.36 -6.37 17.11
C ALA B 110 -29.00 -5.71 17.01
N PRO B 111 -27.92 -6.45 17.28
CA PRO B 111 -26.58 -5.87 17.13
C PRO B 111 -26.25 -5.55 15.68
N ILE B 112 -25.19 -4.76 15.51
CA ILE B 112 -24.77 -4.33 14.18
C ILE B 112 -24.05 -5.50 13.52
N THR B 113 -24.75 -6.20 12.63
CA THR B 113 -24.21 -7.31 11.87
C THR B 113 -24.32 -7.01 10.38
N ASP B 114 -24.01 -8.01 9.56
CA ASP B 114 -24.17 -7.89 8.11
C ASP B 114 -25.62 -7.77 7.70
N GLU B 115 -26.57 -8.07 8.59
CA GLU B 115 -27.99 -8.00 8.29
C GLU B 115 -28.63 -6.70 8.76
N ASN B 116 -28.13 -6.10 9.84
CA ASN B 116 -28.50 -4.76 10.26
C ASN B 116 -27.20 -3.97 10.41
N PRO B 117 -26.65 -3.47 9.31
CA PRO B 117 -25.33 -2.81 9.38
C PRO B 117 -25.42 -1.33 9.71
N LEU B 118 -24.28 -0.66 9.74
CA LEU B 118 -24.23 0.77 9.90
C LEU B 118 -24.55 1.46 8.58
N ILE B 119 -25.41 2.47 8.64
CA ILE B 119 -25.83 3.21 7.45
C ILE B 119 -24.87 4.37 7.24
N ILE B 120 -24.04 4.28 6.22
CA ILE B 120 -23.08 5.33 5.89
C ILE B 120 -23.70 6.25 4.86
N ILE B 121 -23.76 7.54 5.17
CA ILE B 121 -24.21 8.57 4.23
C ILE B 121 -22.97 9.31 3.75
N SER B 122 -22.62 9.13 2.48
CA SER B 122 -21.44 9.73 1.89
C SER B 122 -21.85 10.91 1.04
N VAL B 123 -21.29 12.09 1.34
CA VAL B 123 -21.75 13.34 0.75
C VAL B 123 -20.91 13.62 -0.50
N LEU B 124 -21.47 13.29 -1.66
CA LEU B 124 -20.84 13.64 -2.93
C LEU B 124 -20.69 15.15 -3.03
N LYS B 125 -19.67 15.61 -3.76
CA LYS B 125 -18.85 14.77 -4.64
C LYS B 125 -17.42 14.56 -4.13
N GLY B 126 -16.85 15.58 -3.49
CA GLY B 126 -15.47 15.53 -3.05
C GLY B 126 -15.16 14.55 -1.92
N SER B 127 -16.15 13.75 -1.52
CA SER B 127 -15.99 12.83 -0.42
C SER B 127 -15.84 11.37 -0.86
N TYR B 128 -16.06 11.07 -2.13
CA TYR B 128 -16.14 9.68 -2.56
C TYR B 128 -14.82 8.93 -2.42
N ILE B 129 -13.69 9.62 -2.29
CA ILE B 129 -12.42 8.93 -2.12
C ILE B 129 -12.19 8.59 -0.65
N PHE B 130 -12.46 9.54 0.25
CA PHE B 130 -12.29 9.30 1.68
C PHE B 130 -13.18 8.17 2.15
N THR B 131 -14.42 8.10 1.65
CA THR B 131 -15.31 7.02 2.03
C THR B 131 -15.00 5.73 1.28
N ALA B 132 -14.24 5.79 0.19
CA ALA B 132 -13.82 4.56 -0.48
C ALA B 132 -12.65 3.92 0.26
N ASP B 133 -11.73 4.73 0.78
CA ASP B 133 -10.58 4.19 1.51
C ASP B 133 -10.95 3.79 2.92
N MET B 134 -11.97 4.42 3.52
CA MET B 134 -12.31 4.17 4.92
C MET B 134 -13.12 2.90 5.07
N VAL B 135 -14.17 2.73 4.26
CA VAL B 135 -15.01 1.54 4.37
C VAL B 135 -14.21 0.28 4.11
N ARG B 136 -13.10 0.38 3.36
CA ARG B 136 -12.19 -0.75 3.24
C ARG B 136 -11.41 -0.97 4.54
N TYR B 137 -11.13 0.11 5.28
CA TYR B 137 -10.54 -0.03 6.61
C TYR B 137 -11.56 -0.49 7.63
N LEU B 138 -12.83 -0.12 7.44
CA LEU B 138 -13.88 -0.56 8.36
C LEU B 138 -14.03 -2.08 8.33
N GLY B 139 -14.00 -2.68 7.13
CA GLY B 139 -14.05 -4.12 7.03
C GLY B 139 -12.85 -4.80 7.65
N ASP B 140 -11.68 -4.15 7.60
CA ASP B 140 -10.50 -4.68 8.28
C ASP B 140 -10.70 -4.73 9.78
N CYS B 141 -11.55 -3.85 10.31
CA CYS B 141 -11.91 -3.87 11.72
C CYS B 141 -13.20 -4.63 11.96
N GLY B 142 -13.73 -5.31 10.95
CA GLY B 142 -14.87 -6.17 11.13
C GLY B 142 -16.19 -5.46 11.33
N LEU B 143 -16.28 -4.18 10.97
CA LEU B 143 -17.52 -3.43 11.16
C LEU B 143 -18.40 -3.55 9.92
N PRO B 144 -19.58 -4.16 10.01
CA PRO B 144 -20.46 -4.25 8.85
C PRO B 144 -21.05 -2.90 8.50
N ASN B 145 -21.09 -2.58 7.21
CA ASN B 145 -21.53 -1.28 6.76
C ASN B 145 -22.27 -1.40 5.43
N VAL B 146 -23.02 -0.34 5.11
CA VAL B 146 -23.60 -0.13 3.79
C VAL B 146 -23.58 1.38 3.53
N VAL B 147 -23.21 1.76 2.30
CA VAL B 147 -22.97 3.16 1.96
C VAL B 147 -23.98 3.61 0.91
N ASP B 148 -24.48 4.83 1.08
CA ASP B 148 -25.27 5.51 0.06
C ASP B 148 -24.75 6.94 -0.09
N PHE B 149 -25.01 7.54 -1.24
CA PHE B 149 -24.45 8.83 -1.60
C PHE B 149 -25.52 9.92 -1.63
N ILE B 150 -25.24 11.02 -0.95
CA ILE B 150 -26.06 12.23 -1.04
C ILE B 150 -25.22 13.32 -1.68
N ARG B 151 -25.88 14.23 -2.38
CA ARG B 151 -25.22 15.37 -3.02
C ARG B 151 -26.01 16.63 -2.65
N ILE B 152 -25.29 17.65 -2.16
CA ILE B 152 -25.96 18.81 -1.59
C ILE B 152 -25.36 20.11 -2.11
N THR B 153 -25.78 21.23 -1.51
CA THR B 153 -25.34 22.56 -1.94
C THR B 153 -24.28 23.11 -1.00
N VAL B 167 -29.87 19.96 -0.82
CA VAL B 167 -29.83 18.65 -1.47
C VAL B 167 -30.01 18.81 -2.98
N LEU B 168 -29.26 18.01 -3.74
CA LEU B 168 -29.38 18.01 -5.20
C LEU B 168 -29.84 16.63 -5.68
N ASP B 169 -29.02 15.60 -5.53
CA ASP B 169 -29.46 14.22 -5.70
C ASP B 169 -29.73 13.63 -4.31
N ASN B 170 -30.78 12.83 -4.21
CA ASN B 170 -31.24 12.32 -2.93
C ASN B 170 -30.69 10.92 -2.65
N LEU B 171 -30.89 10.48 -1.41
CA LEU B 171 -30.58 9.11 -1.05
C LEU B 171 -31.58 8.16 -1.71
N ARG B 172 -31.24 6.87 -1.67
CA ARG B 172 -32.18 5.81 -2.03
C ARG B 172 -32.40 4.82 -0.91
N PHE B 173 -31.57 4.85 0.14
CA PHE B 173 -31.92 4.17 1.38
C PHE B 173 -33.16 4.79 1.98
N THR B 174 -34.10 3.96 2.43
CA THR B 174 -35.36 4.48 2.96
C THR B 174 -35.58 4.15 4.43
N GLU B 175 -35.21 2.96 4.88
CA GLU B 175 -35.45 2.55 6.26
C GLU B 175 -34.24 2.92 7.12
N LEU B 176 -34.17 4.20 7.48
CA LEU B 176 -33.16 4.71 8.40
C LEU B 176 -33.72 5.01 9.79
N THR B 177 -35.03 4.87 9.98
CA THR B 177 -35.63 5.17 11.27
C THR B 177 -35.15 4.18 12.33
N GLY B 178 -34.66 4.72 13.45
CA GLY B 178 -34.13 3.88 14.50
C GLY B 178 -32.81 3.21 14.19
N LYS B 179 -32.09 3.70 13.19
CA LYS B 179 -30.83 3.12 12.78
C LYS B 179 -29.65 3.95 13.28
N HIS B 180 -28.48 3.32 13.30
CA HIS B 180 -27.23 4.01 13.55
C HIS B 180 -26.64 4.45 12.21
N VAL B 181 -26.58 5.76 11.98
CA VAL B 181 -26.14 6.26 10.70
C VAL B 181 -24.90 7.13 10.88
N LEU B 182 -24.14 7.24 9.80
CA LEU B 182 -22.77 7.75 9.82
C LEU B 182 -22.57 8.61 8.59
N ILE B 183 -22.22 9.88 8.77
CA ILE B 183 -21.88 10.75 7.65
C ILE B 183 -20.37 10.82 7.50
N MET B 184 -19.89 10.66 6.27
CA MET B 184 -18.48 10.77 5.93
C MET B 184 -18.29 11.95 5.00
N GLU B 185 -17.34 12.82 5.30
CA GLU B 185 -17.33 14.14 4.70
C GLU B 185 -15.95 14.56 4.23
N ASP B 186 -15.96 15.47 3.26
CA ASP B 186 -14.77 16.20 2.82
C ASP B 186 -14.00 16.78 3.99
N ILE B 187 -14.64 17.73 4.66
CA ILE B 187 -13.96 18.71 5.49
C ILE B 187 -15.02 19.55 6.18
N ALA B 188 -14.72 20.02 7.39
CA ALA B 188 -15.59 20.95 8.10
C ALA B 188 -14.85 22.28 8.23
N ASP B 189 -15.42 23.33 7.65
CA ASP B 189 -14.85 24.67 7.78
C ASP B 189 -15.83 25.60 8.48
N THR B 190 -16.89 26.06 7.81
CA THR B 190 -17.84 26.95 8.47
C THR B 190 -18.81 26.20 9.36
N GLY B 191 -19.17 24.97 9.00
CA GLY B 191 -20.11 24.19 9.76
C GLY B 191 -21.56 24.33 9.32
N ARG B 192 -21.88 25.36 8.54
CA ARG B 192 -23.24 25.53 8.03
C ARG B 192 -23.67 24.30 7.22
N THR B 193 -22.78 23.79 6.39
CA THR B 193 -23.13 22.70 5.48
C THR B 193 -23.45 21.42 6.26
N MET B 194 -22.59 21.04 7.21
CA MET B 194 -22.78 19.78 7.92
C MET B 194 -23.74 19.90 9.10
N LYS B 195 -24.04 21.11 9.55
CA LYS B 195 -25.08 21.28 10.55
C LYS B 195 -26.47 21.25 9.91
N LEU B 196 -26.62 21.88 8.75
CA LEU B 196 -27.88 21.79 8.01
C LEU B 196 -28.23 20.35 7.69
N LEU B 197 -27.24 19.56 7.26
CA LEU B 197 -27.50 18.17 6.91
C LEU B 197 -27.92 17.36 8.12
N VAL B 198 -27.27 17.57 9.27
CA VAL B 198 -27.69 16.87 10.48
C VAL B 198 -29.10 17.29 10.89
N GLU B 199 -29.38 18.59 10.81
CA GLU B 199 -30.75 19.05 11.04
C GLU B 199 -31.70 18.48 9.99
N LYS B 200 -31.19 18.15 8.81
CA LYS B 200 -32.02 17.56 7.76
C LYS B 200 -32.20 16.07 7.97
N ILE B 201 -31.09 15.32 7.95
CA ILE B 201 -31.16 13.86 8.05
C ILE B 201 -31.88 13.44 9.32
N ARG B 202 -31.67 14.17 10.42
CA ARG B 202 -32.36 13.87 11.66
C ARG B 202 -33.87 14.04 11.51
N ARG B 203 -34.29 15.17 10.92
CA ARG B 203 -35.70 15.45 10.79
C ARG B 203 -36.39 14.45 9.84
N GLU B 204 -35.71 14.10 8.74
CA GLU B 204 -36.36 13.26 7.73
C GLU B 204 -36.49 11.82 8.20
N TYR B 205 -35.45 11.25 8.80
CA TYR B 205 -35.40 9.83 9.07
C TYR B 205 -35.49 9.45 10.54
N ARG B 206 -35.20 10.39 11.46
CA ARG B 206 -35.24 10.15 12.89
C ARG B 206 -34.45 8.90 13.30
N PRO B 207 -33.14 8.88 13.05
CA PRO B 207 -32.34 7.70 13.40
C PRO B 207 -32.11 7.62 14.89
N ALA B 208 -31.66 6.44 15.33
CA ALA B 208 -31.25 6.26 16.72
C ALA B 208 -29.96 7.01 17.03
N SER B 209 -29.19 7.36 16.01
CA SER B 209 -27.97 8.13 16.17
C SER B 209 -27.56 8.68 14.80
N LEU B 210 -27.06 9.91 14.80
CA LEU B 210 -26.58 10.56 13.57
C LEU B 210 -25.28 11.27 13.92
N LYS B 211 -24.15 10.64 13.59
CA LYS B 211 -22.84 11.17 13.92
C LYS B 211 -22.05 11.41 12.64
N VAL B 212 -21.14 12.39 12.69
CA VAL B 212 -20.41 12.85 11.53
C VAL B 212 -18.93 12.52 11.70
N CYS B 213 -18.39 11.77 10.74
CA CYS B 213 -16.96 11.54 10.62
C CYS B 213 -16.44 12.34 9.44
N VAL B 214 -15.41 13.16 9.68
CA VAL B 214 -14.79 13.97 8.65
C VAL B 214 -13.31 13.69 8.63
N LEU B 215 -12.72 13.75 7.42
CA LEU B 215 -11.29 13.49 7.28
C LEU B 215 -10.48 14.67 7.81
N VAL B 216 -10.79 15.88 7.36
CA VAL B 216 -10.09 17.09 7.77
C VAL B 216 -11.07 17.99 8.51
N ASP B 217 -10.53 18.80 9.42
CA ASP B 217 -11.36 19.71 10.20
C ASP B 217 -10.58 21.00 10.45
N LYS B 218 -11.18 22.13 10.07
CA LYS B 218 -10.64 23.45 10.40
C LYS B 218 -11.57 24.14 11.39
N PRO B 219 -11.30 24.07 12.70
CA PRO B 219 -12.16 24.75 13.67
C PRO B 219 -12.06 26.26 13.64
N GLY B 220 -11.16 26.83 12.83
CA GLY B 220 -11.00 28.28 12.81
C GLY B 220 -11.99 29.00 11.91
N GLY B 221 -12.46 28.34 10.86
CA GLY B 221 -13.43 28.93 9.96
C GLY B 221 -14.87 28.77 10.38
N ARG B 222 -15.13 28.30 11.60
CA ARG B 222 -16.49 28.02 12.05
C ARG B 222 -17.32 29.30 12.13
N VAL B 223 -18.49 29.28 11.50
CA VAL B 223 -19.42 30.41 11.55
C VAL B 223 -20.49 30.06 12.57
N VAL B 224 -20.90 28.79 12.59
CA VAL B 224 -21.93 28.32 13.52
C VAL B 224 -21.32 27.27 14.45
N ASP B 225 -22.16 26.63 15.25
CA ASP B 225 -21.72 25.64 16.22
C ASP B 225 -21.87 24.25 15.61
N PHE B 226 -20.79 23.77 15.01
CA PHE B 226 -20.70 22.38 14.57
C PHE B 226 -19.45 21.76 15.16
N LYS B 227 -19.60 20.56 15.70
CA LYS B 227 -18.49 19.83 16.32
C LYS B 227 -18.52 18.38 15.87
N PRO B 228 -17.68 17.99 14.91
CA PRO B 228 -17.70 16.61 14.43
C PRO B 228 -17.15 15.65 15.48
N GLU B 229 -17.88 14.56 15.71
CA GLU B 229 -17.49 13.60 16.74
C GLU B 229 -16.30 12.74 16.33
N PHE B 230 -15.98 12.70 15.04
CA PHE B 230 -14.91 11.84 14.54
C PHE B 230 -14.13 12.62 13.49
N VAL B 231 -12.87 12.91 13.77
CA VAL B 231 -12.01 13.66 12.88
C VAL B 231 -10.70 12.90 12.71
N CYS B 232 -10.18 12.88 11.48
CA CYS B 232 -8.89 12.28 11.22
C CYS B 232 -7.76 13.29 11.30
N LEU B 233 -7.93 14.46 10.68
CA LEU B 233 -6.90 15.49 10.64
C LEU B 233 -7.49 16.84 11.01
N THR B 234 -6.70 17.65 11.72
CA THR B 234 -7.03 19.05 11.98
C THR B 234 -6.03 19.92 11.22
N ALA B 235 -6.55 20.78 10.36
CA ALA B 235 -5.75 21.61 9.48
C ALA B 235 -5.90 23.08 9.82
N PRO B 236 -4.99 23.93 9.34
CA PRO B 236 -5.15 25.38 9.55
C PRO B 236 -6.33 25.92 8.75
N THR B 237 -6.64 27.19 9.04
CA THR B 237 -7.80 27.86 8.44
C THR B 237 -7.39 28.46 7.10
N ARG B 238 -7.32 27.59 6.09
CA ARG B 238 -7.11 28.02 4.72
C ARG B 238 -7.52 26.89 3.79
N TYR B 239 -7.52 27.19 2.50
CA TYR B 239 -8.01 26.23 1.51
C TYR B 239 -7.03 25.08 1.31
N VAL B 240 -7.54 23.85 1.44
CA VAL B 240 -6.78 22.63 1.19
C VAL B 240 -7.08 22.16 -0.24
N VAL B 241 -6.19 21.32 -0.78
CA VAL B 241 -6.38 20.62 -2.05
C VAL B 241 -5.65 19.28 -1.99
N GLY B 242 -5.97 18.40 -2.94
CA GLY B 242 -5.43 17.06 -2.93
C GLY B 242 -6.33 16.13 -2.16
N TYR B 243 -6.42 14.86 -2.56
CA TYR B 243 -7.22 13.84 -1.87
C TYR B 243 -8.66 14.31 -1.64
N GLY B 244 -9.36 14.56 -2.75
CA GLY B 244 -10.76 14.91 -2.70
C GLY B 244 -11.06 16.39 -2.68
N PHE B 245 -10.08 17.23 -2.36
CA PHE B 245 -10.25 18.67 -2.39
C PHE B 245 -9.77 19.22 -3.74
N GLU B 246 -10.34 20.34 -4.15
CA GLU B 246 -10.37 20.71 -5.56
C GLU B 246 -10.19 22.21 -5.77
N VAL B 247 -9.84 22.55 -7.01
CA VAL B 247 -10.21 23.81 -7.64
C VAL B 247 -10.90 23.43 -8.93
N ASN B 248 -12.23 23.49 -8.93
CA ASN B 248 -13.02 23.16 -10.12
C ASN B 248 -12.75 21.74 -10.61
N ASP B 249 -12.54 20.83 -9.66
CA ASP B 249 -12.35 19.38 -9.80
C ASP B 249 -10.90 18.99 -10.08
N ARG B 250 -9.96 19.92 -10.10
CA ARG B 250 -8.57 19.59 -10.39
C ARG B 250 -7.82 19.36 -9.08
N TYR B 251 -6.76 18.55 -9.18
CA TYR B 251 -5.95 18.10 -8.05
C TYR B 251 -6.72 17.17 -7.11
N ARG B 252 -7.96 16.80 -7.45
CA ARG B 252 -8.76 15.98 -6.54
C ARG B 252 -8.19 14.58 -6.39
N ASN B 253 -7.52 14.07 -7.42
CA ASN B 253 -6.98 12.71 -7.40
C ASN B 253 -5.54 12.65 -6.90
N TYR B 254 -5.02 13.73 -6.33
CA TYR B 254 -3.69 13.70 -5.76
C TYR B 254 -3.74 13.07 -4.37
N ARG B 255 -2.72 12.27 -4.05
CA ARG B 255 -2.75 11.46 -2.84
C ARG B 255 -2.25 12.17 -1.60
N HIS B 256 -1.94 13.47 -1.70
CA HIS B 256 -1.51 14.25 -0.54
C HIS B 256 -2.38 15.48 -0.42
N VAL B 257 -2.58 15.93 0.83
CA VAL B 257 -3.37 17.12 1.11
C VAL B 257 -2.40 18.29 1.26
N PHE B 258 -2.44 19.20 0.30
CA PHE B 258 -1.67 20.43 0.34
C PHE B 258 -2.58 21.60 0.69
N VAL B 259 -1.97 22.68 1.17
CA VAL B 259 -2.67 23.95 1.29
C VAL B 259 -2.45 24.74 0.02
N LEU B 260 -3.54 25.27 -0.53
CA LEU B 260 -3.51 25.88 -1.85
C LEU B 260 -2.74 27.20 -1.85
N LYS B 261 -2.05 27.46 -2.94
CA LYS B 261 -1.49 28.78 -3.18
C LYS B 261 -2.61 29.73 -3.58
N PRO B 262 -2.74 30.90 -2.95
CA PRO B 262 -3.86 31.79 -3.27
C PRO B 262 -3.86 32.24 -4.72
N GLU B 263 -2.69 32.27 -5.36
CA GLU B 263 -2.58 32.65 -6.77
C GLU B 263 -3.10 31.56 -7.70
N TYR B 264 -3.54 30.42 -7.18
CA TYR B 264 -4.04 29.32 -8.00
C TYR B 264 -5.56 29.13 -7.89
N ALA B 265 -6.21 29.82 -6.95
CA ALA B 265 -7.64 29.57 -6.73
C ALA B 265 -8.48 29.99 -7.91
N LYS B 266 -8.06 31.01 -8.66
CA LYS B 266 -8.78 31.46 -9.84
C LYS B 266 -8.13 31.00 -11.13
N ARG B 267 -7.22 30.03 -11.07
CA ARG B 267 -6.41 29.67 -12.22
C ARG B 267 -7.25 29.08 -13.35
N TYR B 268 -8.33 28.36 -13.01
CA TYR B 268 -9.12 27.64 -14.00
C TYR B 268 -10.60 27.96 -13.78
N PRO B 269 -11.10 29.03 -14.40
CA PRO B 269 -12.45 29.50 -14.09
C PRO B 269 -13.56 28.88 -14.94
N SER B 270 -13.22 28.33 -16.09
CA SER B 270 -14.24 27.85 -17.02
C SER B 270 -15.01 26.67 -16.44
N LYS B 271 -16.31 26.63 -16.74
CA LYS B 271 -17.20 25.59 -16.23
C LYS B 271 -17.05 24.31 -17.02
N LEU B 272 -17.27 23.19 -16.34
CA LEU B 272 -17.16 21.87 -16.97
C LEU B 272 -18.54 21.25 -17.17
N PRO C 44 -4.98 -7.78 -21.76
CA PRO C 44 -5.71 -7.83 -20.49
C PRO C 44 -5.27 -8.99 -19.62
N LEU C 45 -5.96 -9.21 -18.50
CA LEU C 45 -5.61 -10.26 -17.55
C LEU C 45 -6.84 -11.11 -17.25
N LYS C 46 -6.68 -12.43 -17.33
CA LYS C 46 -7.73 -13.38 -16.98
C LYS C 46 -7.25 -14.23 -15.82
N PRO C 47 -7.65 -13.93 -14.59
CA PRO C 47 -7.08 -14.61 -13.42
C PRO C 47 -7.48 -16.08 -13.37
N ASN C 48 -6.89 -16.77 -12.40
CA ASN C 48 -7.25 -18.14 -12.05
C ASN C 48 -8.03 -18.12 -10.74
N PHE C 49 -9.21 -18.73 -10.75
CA PHE C 49 -10.05 -18.77 -9.56
C PHE C 49 -9.53 -19.82 -8.58
N VAL C 50 -9.63 -19.51 -7.29
CA VAL C 50 -9.15 -20.38 -6.22
C VAL C 50 -10.33 -20.74 -5.33
N GLY C 51 -10.70 -22.01 -5.31
CA GLY C 51 -11.80 -22.51 -4.51
C GLY C 51 -11.39 -23.73 -3.71
N ARG C 52 -12.37 -24.60 -3.49
CA ARG C 52 -12.17 -25.81 -2.71
C ARG C 52 -13.01 -26.94 -3.30
N ASP C 53 -12.51 -28.16 -3.14
CA ASP C 53 -13.26 -29.35 -3.54
C ASP C 53 -14.07 -29.86 -2.36
N ALA C 54 -14.78 -30.97 -2.56
CA ALA C 54 -15.68 -31.49 -1.54
C ALA C 54 -14.95 -31.89 -0.27
N ASP C 55 -13.68 -32.25 -0.38
CA ASP C 55 -12.88 -32.65 0.78
C ASP C 55 -12.13 -31.48 1.41
N GLY C 56 -12.17 -30.31 0.79
CA GLY C 56 -11.58 -29.12 1.38
C GLY C 56 -10.14 -28.85 1.03
N ASN C 57 -9.69 -29.27 -0.16
CA ASN C 57 -8.34 -28.98 -0.60
C ASN C 57 -8.32 -27.70 -1.45
N VAL C 58 -7.13 -27.10 -1.55
CA VAL C 58 -6.97 -25.92 -2.36
C VAL C 58 -7.23 -26.27 -3.82
N THR C 59 -8.10 -25.50 -4.48
CA THR C 59 -8.56 -25.80 -5.82
C THR C 59 -8.33 -24.59 -6.71
N VAL C 60 -7.48 -24.75 -7.73
CA VAL C 60 -7.21 -23.71 -8.71
C VAL C 60 -7.82 -24.15 -10.04
N ASP C 61 -8.79 -23.37 -10.52
CA ASP C 61 -9.46 -23.61 -11.80
C ASP C 61 -10.11 -24.99 -11.86
N GLY C 62 -10.62 -25.48 -10.73
CA GLY C 62 -11.35 -26.72 -10.70
C GLY C 62 -10.53 -27.97 -10.41
N ARG C 63 -9.20 -27.89 -10.48
CA ARG C 63 -8.34 -29.02 -10.18
C ARG C 63 -7.85 -28.91 -8.75
N SER C 64 -7.85 -30.04 -8.04
CA SER C 64 -7.51 -30.06 -6.62
C SER C 64 -6.02 -30.21 -6.41
N TYR C 65 -5.55 -29.71 -5.27
CA TYR C 65 -4.14 -29.80 -4.89
C TYR C 65 -4.07 -30.16 -3.41
N PRO C 66 -4.03 -31.46 -3.09
CA PRO C 66 -4.03 -31.86 -1.67
C PRO C 66 -2.78 -31.45 -0.93
N MET C 67 -1.64 -31.35 -1.61
CA MET C 67 -0.41 -30.93 -0.94
C MET C 67 -0.42 -29.46 -0.57
N ALA C 68 -1.20 -28.65 -1.27
CA ALA C 68 -1.19 -27.21 -1.05
C ALA C 68 -1.98 -26.82 0.18
N GLU C 69 -1.40 -25.92 0.98
CA GLU C 69 -2.12 -25.28 2.07
C GLU C 69 -2.70 -23.93 1.63
N SER C 70 -1.97 -23.21 0.79
CA SER C 70 -2.43 -21.96 0.21
C SER C 70 -1.83 -21.81 -1.18
N VAL C 71 -2.18 -20.73 -1.86
CA VAL C 71 -1.52 -20.28 -3.07
C VAL C 71 -1.00 -18.88 -2.80
N VAL C 72 0.22 -18.59 -3.22
CA VAL C 72 0.74 -17.24 -3.03
C VAL C 72 0.65 -16.50 -4.35
N ALA C 73 0.61 -17.24 -5.46
CA ALA C 73 0.39 -16.64 -6.77
C ALA C 73 0.01 -17.69 -7.82
N THR C 74 -1.05 -17.43 -8.57
CA THR C 74 -1.43 -18.30 -9.67
C THR C 74 -0.62 -17.97 -10.92
N GLU C 75 -0.75 -18.82 -11.94
CA GLU C 75 0.04 -18.67 -13.16
C GLU C 75 -0.24 -17.33 -13.83
N SER C 76 -1.49 -16.90 -13.85
CA SER C 76 -1.81 -15.58 -14.40
C SER C 76 -1.14 -14.47 -13.61
N THR C 77 -0.98 -14.64 -12.30
CA THR C 77 -0.24 -13.67 -11.51
C THR C 77 1.26 -13.84 -11.68
N ILE C 78 1.74 -15.09 -11.66
CA ILE C 78 3.15 -15.35 -11.89
C ILE C 78 3.59 -14.81 -13.24
N HIS C 79 2.82 -15.12 -14.30
CA HIS C 79 3.21 -14.71 -15.64
C HIS C 79 3.07 -13.21 -15.83
N ARG C 80 2.05 -12.60 -15.22
CA ARG C 80 1.96 -11.15 -15.24
C ARG C 80 3.16 -10.53 -14.54
N SER C 81 3.58 -11.11 -13.41
CA SER C 81 4.73 -10.59 -12.68
C SER C 81 6.00 -10.65 -13.51
N MET C 82 6.08 -11.59 -14.46
CA MET C 82 7.28 -11.76 -15.25
C MET C 82 7.28 -10.95 -16.54
N LYS C 83 6.11 -10.68 -17.12
CA LYS C 83 6.05 -9.77 -18.26
C LYS C 83 6.60 -8.40 -17.90
N GLU C 84 6.40 -7.96 -16.67
CA GLU C 84 6.86 -6.65 -16.21
C GLU C 84 8.31 -6.65 -15.75
N MET C 85 8.87 -7.81 -15.43
CA MET C 85 10.28 -7.86 -15.07
C MET C 85 11.18 -7.91 -16.30
N ALA C 86 10.72 -8.61 -17.36
CA ALA C 86 11.42 -8.53 -18.63
C ALA C 86 11.43 -7.11 -19.15
N GLN C 87 10.35 -6.35 -18.90
CA GLN C 87 10.35 -4.93 -19.21
C GLN C 87 11.28 -4.17 -18.27
N THR C 88 11.33 -4.58 -17.00
CA THR C 88 12.32 -4.02 -16.08
C THR C 88 13.73 -4.38 -16.50
N LEU C 89 13.97 -5.65 -16.80
CA LEU C 89 15.30 -6.09 -17.21
C LEU C 89 15.71 -5.49 -18.55
N ALA C 90 14.73 -5.17 -19.41
CA ALA C 90 15.07 -4.60 -20.71
C ALA C 90 15.47 -3.13 -20.60
N ASN C 91 14.72 -2.35 -19.82
CA ASN C 91 15.03 -0.93 -19.70
C ASN C 91 16.34 -0.69 -18.97
N ALA C 92 16.74 -1.62 -18.11
CA ALA C 92 17.95 -1.47 -17.30
C ALA C 92 19.19 -2.05 -17.98
N TYR C 93 19.06 -2.66 -19.16
CA TYR C 93 20.17 -3.38 -19.76
C TYR C 93 20.44 -3.06 -21.23
N LYS C 94 19.52 -2.43 -21.96
CA LYS C 94 19.69 -2.31 -23.40
C LYS C 94 20.52 -1.10 -23.81
N THR C 95 20.57 -0.04 -23.00
CA THR C 95 21.34 1.14 -23.36
C THR C 95 22.80 1.02 -22.95
N LEU C 96 23.13 0.15 -22.01
CA LEU C 96 24.48 0.08 -21.48
C LEU C 96 25.41 -0.70 -22.42
N LYS C 97 26.71 -0.51 -22.21
CA LYS C 97 27.77 -1.13 -23.00
C LYS C 97 28.57 -2.10 -22.14
N HIS C 98 29.40 -2.89 -22.80
CA HIS C 98 30.37 -3.75 -22.13
C HIS C 98 31.41 -4.17 -23.16
N ARG C 99 32.23 -5.16 -22.80
CA ARG C 99 33.30 -5.61 -23.69
C ARG C 99 32.72 -6.23 -24.95
N ASP C 100 33.47 -6.12 -26.04
CA ASP C 100 33.06 -6.66 -27.34
C ASP C 100 33.92 -7.88 -27.64
N THR C 101 33.31 -9.06 -27.56
CA THR C 101 33.97 -10.29 -27.98
C THR C 101 33.64 -10.66 -29.43
N HIS C 102 32.73 -9.95 -30.08
CA HIS C 102 32.45 -10.20 -31.49
C HIS C 102 33.64 -9.83 -32.36
N ASN C 103 34.01 -8.55 -32.36
CA ASN C 103 35.26 -8.10 -32.96
C ASN C 103 36.24 -7.85 -31.83
N LYS C 104 37.05 -8.87 -31.53
CA LYS C 104 37.99 -8.82 -30.42
C LYS C 104 39.09 -7.78 -30.62
N GLY C 105 39.22 -7.22 -31.82
CA GLY C 105 40.23 -6.23 -32.11
C GLY C 105 39.79 -4.78 -32.02
N ASN C 106 38.54 -4.52 -31.63
CA ASN C 106 38.03 -3.17 -31.45
C ASN C 106 37.91 -2.91 -29.95
N SER C 107 38.77 -2.03 -29.43
CA SER C 107 38.87 -1.82 -27.99
C SER C 107 37.86 -0.78 -27.49
N ALA C 108 36.74 -0.66 -28.19
CA ALA C 108 35.65 0.17 -27.74
C ALA C 108 34.56 -0.70 -27.11
N LEU C 109 33.78 -0.09 -26.24
CA LEU C 109 32.68 -0.80 -25.59
C LEU C 109 31.54 -0.99 -26.57
N ALA C 110 30.92 -2.17 -26.53
CA ALA C 110 29.86 -2.47 -27.48
C ALA C 110 28.51 -2.48 -26.80
N PRO C 111 27.48 -1.91 -27.44
CA PRO C 111 26.13 -1.98 -26.88
C PRO C 111 25.61 -3.41 -26.90
N ILE C 112 24.54 -3.63 -26.13
CA ILE C 112 23.93 -4.95 -26.04
C ILE C 112 23.20 -5.26 -27.33
N THR C 113 23.86 -6.02 -28.21
CA THR C 113 23.29 -6.43 -29.49
C THR C 113 23.16 -7.94 -29.52
N ASP C 114 22.71 -8.46 -30.67
CA ASP C 114 22.72 -9.90 -30.88
C ASP C 114 24.13 -10.45 -30.99
N GLU C 115 25.15 -9.58 -31.09
CA GLU C 115 26.53 -9.99 -31.19
C GLU C 115 27.23 -9.97 -29.84
N ASN C 116 26.91 -8.99 -29.00
CA ASN C 116 27.41 -8.91 -27.62
C ASN C 116 26.20 -8.88 -26.68
N PRO C 117 25.50 -9.99 -26.52
CA PRO C 117 24.27 -9.98 -25.72
C PRO C 117 24.54 -10.19 -24.24
N LEU C 118 23.49 -10.12 -23.45
CA LEU C 118 23.60 -10.34 -22.02
C LEU C 118 23.87 -11.81 -21.74
N ILE C 119 24.75 -12.07 -20.78
CA ILE C 119 25.03 -13.43 -20.34
C ILE C 119 24.10 -13.74 -19.17
N ILE C 120 23.22 -14.72 -19.37
CA ILE C 120 22.24 -15.11 -18.37
C ILE C 120 22.72 -16.39 -17.71
N ILE C 121 22.74 -16.41 -16.38
CA ILE C 121 23.18 -17.56 -15.60
C ILE C 121 21.95 -18.15 -14.91
N SER C 122 21.50 -19.30 -15.39
CA SER C 122 20.35 -19.99 -14.81
C SER C 122 20.85 -21.14 -13.93
N VAL C 123 20.35 -21.21 -12.71
CA VAL C 123 20.83 -22.15 -11.70
C VAL C 123 19.89 -23.34 -11.64
N LEU C 124 20.41 -24.52 -11.95
CA LEU C 124 19.64 -25.75 -11.88
C LEU C 124 19.47 -26.19 -10.42
N LYS C 125 18.36 -26.88 -10.15
CA LYS C 125 17.37 -27.28 -11.13
C LYS C 125 16.13 -26.40 -11.13
N GLY C 126 16.04 -25.51 -10.14
CA GLY C 126 14.80 -24.77 -9.93
C GLY C 126 14.49 -23.74 -10.98
N SER C 127 15.49 -23.27 -11.72
CA SER C 127 15.32 -22.09 -12.57
C SER C 127 14.92 -22.42 -14.01
N TYR C 128 15.01 -23.68 -14.43
CA TYR C 128 14.86 -23.98 -15.86
C TYR C 128 13.47 -23.64 -16.38
N ILE C 129 12.44 -23.76 -15.55
CA ILE C 129 11.10 -23.32 -15.96
C ILE C 129 11.00 -21.80 -15.91
N PHE C 130 11.45 -21.21 -14.81
CA PHE C 130 11.43 -19.76 -14.68
C PHE C 130 12.29 -19.09 -15.74
N THR C 131 13.40 -19.73 -16.13
CA THR C 131 14.26 -19.15 -17.16
C THR C 131 13.63 -19.31 -18.54
N ALA C 132 13.03 -20.47 -18.82
CA ALA C 132 12.45 -20.71 -20.14
C ALA C 132 11.33 -19.72 -20.43
N ASP C 133 10.43 -19.52 -19.45
CA ASP C 133 9.35 -18.57 -19.64
C ASP C 133 9.86 -17.13 -19.72
N MET C 134 10.97 -16.84 -19.06
CA MET C 134 11.41 -15.45 -18.92
C MET C 134 12.18 -14.96 -20.14
N VAL C 135 13.12 -15.76 -20.64
CA VAL C 135 13.90 -15.33 -21.80
C VAL C 135 13.02 -15.16 -23.04
N ARG C 136 11.87 -15.84 -23.08
CA ARG C 136 10.91 -15.62 -24.16
C ARG C 136 10.17 -14.31 -24.00
N TYR C 137 10.08 -13.77 -22.78
CA TYR C 137 9.57 -12.42 -22.60
C TYR C 137 10.63 -11.38 -22.93
N LEU C 138 11.90 -11.67 -22.65
CA LEU C 138 12.97 -10.76 -23.03
C LEU C 138 13.04 -10.57 -24.53
N GLY C 139 12.71 -11.60 -25.31
CA GLY C 139 12.62 -11.44 -26.74
C GLY C 139 11.48 -10.54 -27.16
N ASP C 140 10.36 -10.59 -26.41
CA ASP C 140 9.26 -9.67 -26.66
C ASP C 140 9.64 -8.23 -26.36
N CYS C 141 10.67 -8.01 -25.54
CA CYS C 141 11.15 -6.68 -25.21
C CYS C 141 12.41 -6.30 -25.98
N GLY C 142 12.90 -7.17 -26.84
CA GLY C 142 14.06 -6.84 -27.67
C GLY C 142 15.37 -6.76 -26.91
N LEU C 143 15.56 -7.63 -25.92
CA LEU C 143 16.83 -7.69 -25.20
C LEU C 143 17.59 -8.93 -25.60
N PRO C 144 18.66 -8.81 -26.40
CA PRO C 144 19.41 -10.00 -26.81
C PRO C 144 20.14 -10.62 -25.62
N ASN C 145 20.05 -11.94 -25.51
CA ASN C 145 20.65 -12.64 -24.39
C ASN C 145 21.02 -14.05 -24.80
N VAL C 146 22.02 -14.59 -24.12
CA VAL C 146 22.36 -16.00 -24.18
C VAL C 146 22.24 -16.56 -22.78
N VAL C 147 21.91 -17.85 -22.68
CA VAL C 147 21.72 -18.50 -21.39
C VAL C 147 22.73 -19.63 -21.26
N ASP C 148 23.19 -19.83 -20.03
CA ASP C 148 23.99 -21.00 -19.67
C ASP C 148 23.56 -21.45 -18.29
N PHE C 149 23.83 -22.71 -17.98
CA PHE C 149 23.35 -23.34 -16.76
C PHE C 149 24.52 -23.73 -15.86
N ILE C 150 24.38 -23.40 -14.58
CA ILE C 150 25.27 -23.89 -13.52
C ILE C 150 24.42 -24.67 -12.54
N ARG C 151 24.94 -25.79 -12.05
CA ARG C 151 24.30 -26.53 -10.98
C ARG C 151 25.16 -26.44 -9.73
N ILE C 152 24.55 -25.98 -8.64
CA ILE C 152 25.25 -25.84 -7.37
C ILE C 152 24.50 -26.61 -6.29
N GLN C 166 29.99 -26.17 -3.86
CA GLN C 166 28.92 -27.05 -4.32
C GLN C 166 28.71 -26.93 -5.83
N VAL C 167 29.62 -26.23 -6.50
CA VAL C 167 29.57 -26.08 -7.94
C VAL C 167 29.71 -27.45 -8.59
N LEU C 168 28.57 -28.12 -8.82
CA LEU C 168 28.62 -29.47 -9.36
C LEU C 168 28.94 -29.47 -10.85
N ASP C 169 28.40 -28.52 -11.61
CA ASP C 169 28.64 -28.43 -13.05
C ASP C 169 28.86 -26.95 -13.39
N ASN C 170 30.12 -26.58 -13.60
CA ASN C 170 30.48 -25.22 -13.94
C ASN C 170 29.97 -24.87 -15.34
N LEU C 171 30.18 -23.62 -15.73
CA LEU C 171 29.73 -23.13 -17.02
C LEU C 171 30.55 -23.75 -18.14
N ARG C 172 29.98 -23.68 -19.35
CA ARG C 172 30.76 -23.86 -20.57
C ARG C 172 31.12 -22.54 -21.22
N PHE C 173 30.49 -21.45 -20.78
CA PHE C 173 30.90 -20.13 -21.23
C PHE C 173 32.24 -19.76 -20.61
N THR C 174 33.11 -19.16 -21.42
CA THR C 174 34.44 -18.80 -20.98
C THR C 174 34.75 -17.31 -21.09
N GLU C 175 34.02 -16.56 -21.91
CA GLU C 175 34.29 -15.14 -22.13
C GLU C 175 33.25 -14.32 -21.38
N LEU C 176 33.50 -14.10 -20.09
CA LEU C 176 32.61 -13.32 -19.25
C LEU C 176 33.24 -12.07 -18.66
N THR C 177 34.56 -11.91 -18.79
CA THR C 177 35.22 -10.73 -18.24
C THR C 177 34.73 -9.47 -18.95
N GLY C 178 34.45 -8.43 -18.18
CA GLY C 178 33.98 -7.19 -18.75
C GLY C 178 32.62 -7.25 -19.38
N LYS C 179 31.83 -8.28 -19.09
CA LYS C 179 30.50 -8.44 -19.64
C LYS C 179 29.44 -8.15 -18.58
N HIS C 180 28.22 -7.92 -19.06
CA HIS C 180 27.06 -7.78 -18.18
C HIS C 180 26.43 -9.16 -17.98
N VAL C 181 26.39 -9.62 -16.73
CA VAL C 181 25.91 -10.95 -16.40
C VAL C 181 24.67 -10.82 -15.53
N LEU C 182 23.76 -11.79 -15.66
CA LEU C 182 22.47 -11.76 -14.98
C LEU C 182 22.14 -13.17 -14.53
N ILE C 183 22.14 -13.40 -13.21
CA ILE C 183 21.79 -14.70 -12.66
C ILE C 183 20.28 -14.80 -12.52
N MET C 184 19.71 -15.90 -12.99
CA MET C 184 18.28 -16.14 -12.93
C MET C 184 18.02 -17.26 -11.93
N GLU C 185 17.38 -16.91 -10.82
CA GLU C 185 17.16 -17.84 -9.71
C GLU C 185 15.68 -17.90 -9.38
N ASP C 186 15.24 -19.09 -8.92
CA ASP C 186 13.84 -19.31 -8.62
C ASP C 186 13.44 -18.69 -7.29
N ILE C 187 14.27 -18.82 -6.25
CA ILE C 187 13.89 -18.45 -4.90
C ILE C 187 15.13 -18.03 -4.12
N ALA C 188 14.93 -17.07 -3.21
CA ALA C 188 15.95 -16.68 -2.24
C ALA C 188 15.30 -16.65 -0.86
N ASP C 189 15.77 -17.52 0.03
CA ASP C 189 15.25 -17.58 1.38
C ASP C 189 16.28 -17.04 2.37
N THR C 190 17.29 -17.85 2.70
CA THR C 190 18.37 -17.39 3.56
C THR C 190 19.36 -16.51 2.81
N GLY C 191 19.29 -16.48 1.48
CA GLY C 191 20.27 -15.74 0.70
C GLY C 191 21.68 -16.29 0.75
N ARG C 192 21.90 -17.44 1.38
CA ARG C 192 23.26 -17.96 1.54
C ARG C 192 23.78 -18.51 0.21
N THR C 193 22.97 -19.29 -0.48
CA THR C 193 23.39 -19.90 -1.74
C THR C 193 23.78 -18.84 -2.77
N MET C 194 22.95 -17.80 -2.91
CA MET C 194 23.19 -16.78 -3.92
C MET C 194 24.22 -15.74 -3.51
N LYS C 195 24.56 -15.65 -2.23
CA LYS C 195 25.60 -14.72 -1.81
C LYS C 195 26.99 -15.24 -2.15
N LEU C 196 27.22 -16.54 -1.92
CA LEU C 196 28.51 -17.13 -2.28
C LEU C 196 28.67 -17.22 -3.79
N LEU C 197 27.57 -17.32 -4.54
CA LEU C 197 27.66 -17.46 -5.98
C LEU C 197 28.16 -16.19 -6.64
N VAL C 198 27.58 -15.04 -6.27
CA VAL C 198 28.00 -13.78 -6.88
C VAL C 198 29.45 -13.49 -6.53
N GLU C 199 29.89 -13.85 -5.32
CA GLU C 199 31.29 -13.68 -4.95
C GLU C 199 32.17 -14.81 -5.48
N LYS C 200 31.58 -15.83 -6.11
CA LYS C 200 32.32 -16.82 -6.87
C LYS C 200 32.41 -16.46 -8.35
N ILE C 201 31.35 -15.89 -8.90
CA ILE C 201 31.38 -15.45 -10.31
C ILE C 201 32.05 -14.08 -10.43
N ARG C 202 31.95 -13.23 -9.40
CA ARG C 202 32.67 -11.97 -9.44
C ARG C 202 34.18 -12.17 -9.40
N ARG C 203 34.64 -13.14 -8.60
CA ARG C 203 36.07 -13.36 -8.45
C ARG C 203 36.66 -14.09 -9.65
N GLU C 204 36.02 -15.20 -10.04
CA GLU C 204 36.61 -16.06 -11.07
C GLU C 204 36.32 -15.54 -12.48
N TYR C 205 35.19 -14.84 -12.69
CA TYR C 205 34.78 -14.43 -14.02
C TYR C 205 34.74 -12.91 -14.18
N ARG C 206 35.41 -12.16 -13.27
CA ARG C 206 35.49 -10.70 -13.15
C ARG C 206 34.71 -9.95 -14.23
N PRO C 207 33.38 -9.88 -14.11
CA PRO C 207 32.58 -9.24 -15.17
C PRO C 207 32.39 -7.75 -14.92
N ALA C 208 31.82 -7.09 -15.93
CA ALA C 208 31.50 -5.68 -15.79
C ALA C 208 30.36 -5.45 -14.82
N SER C 209 29.52 -6.45 -14.59
CA SER C 209 28.43 -6.36 -13.63
C SER C 209 27.95 -7.77 -13.31
N LEU C 210 27.19 -7.88 -12.22
CA LEU C 210 26.64 -9.17 -11.81
C LEU C 210 25.46 -8.89 -10.88
N LYS C 211 24.25 -9.11 -11.39
CA LYS C 211 23.03 -8.87 -10.63
C LYS C 211 22.14 -10.09 -10.70
N VAL C 212 21.32 -10.27 -9.66
CA VAL C 212 20.50 -11.46 -9.48
C VAL C 212 19.04 -11.10 -9.69
N CYS C 213 18.37 -11.87 -10.55
CA CYS C 213 16.93 -11.73 -10.77
C CYS C 213 16.24 -12.97 -10.22
N VAL C 214 15.42 -12.78 -9.20
CA VAL C 214 14.71 -13.87 -8.57
C VAL C 214 13.28 -13.90 -9.08
N LEU C 215 12.65 -15.07 -8.97
CA LEU C 215 11.22 -15.19 -9.18
C LEU C 215 10.45 -14.94 -7.89
N VAL C 216 10.85 -15.62 -6.81
CA VAL C 216 10.21 -15.51 -5.51
C VAL C 216 11.28 -15.13 -4.50
N ASP C 217 10.99 -14.13 -3.68
CA ASP C 217 11.93 -13.69 -2.66
C ASP C 217 11.25 -13.66 -1.30
N LYS C 218 11.83 -14.35 -0.33
CA LYS C 218 11.38 -14.33 1.05
C LYS C 218 12.42 -13.61 1.90
N PRO C 219 12.26 -12.31 2.16
CA PRO C 219 13.27 -11.59 2.96
C PRO C 219 13.23 -11.93 4.43
N GLY C 220 12.11 -12.44 4.95
CA GLY C 220 12.00 -12.75 6.36
C GLY C 220 12.63 -14.05 6.76
N GLY C 221 13.52 -14.57 5.93
CA GLY C 221 14.23 -15.80 6.25
C GLY C 221 15.72 -15.67 6.04
N ARG C 222 16.19 -14.44 5.87
CA ARG C 222 17.59 -14.22 5.56
C ARG C 222 18.47 -14.48 6.78
N VAL C 223 19.59 -15.16 6.52
CA VAL C 223 20.69 -15.24 7.47
C VAL C 223 21.82 -14.27 7.11
N VAL C 224 22.01 -13.98 5.83
CA VAL C 224 23.07 -13.10 5.36
C VAL C 224 22.48 -11.74 5.00
N ASP C 225 23.24 -10.94 4.27
CA ASP C 225 22.78 -9.67 3.71
C ASP C 225 22.78 -9.83 2.18
N PHE C 226 21.69 -10.35 1.65
CA PHE C 226 21.55 -10.56 0.21
C PHE C 226 20.29 -9.83 -0.26
N LYS C 227 20.48 -8.70 -0.93
CA LYS C 227 19.36 -7.99 -1.54
C LYS C 227 19.40 -8.24 -3.04
N PRO C 228 18.56 -9.11 -3.57
CA PRO C 228 18.50 -9.29 -5.03
C PRO C 228 18.03 -8.02 -5.71
N GLU C 229 18.62 -7.74 -6.88
CA GLU C 229 18.35 -6.50 -7.58
C GLU C 229 16.98 -6.51 -8.27
N PHE C 230 16.53 -7.68 -8.72
CA PHE C 230 15.26 -7.80 -9.44
C PHE C 230 14.46 -8.91 -8.79
N VAL C 231 13.24 -8.58 -8.36
CA VAL C 231 12.39 -9.49 -7.60
C VAL C 231 11.01 -9.51 -8.24
N CYS C 232 10.59 -10.69 -8.70
CA CYS C 232 9.26 -10.81 -9.32
C CYS C 232 8.16 -10.85 -8.27
N LEU C 233 8.36 -11.59 -7.18
CA LEU C 233 7.32 -11.80 -6.19
C LEU C 233 7.90 -11.80 -4.79
N THR C 234 7.08 -11.40 -3.82
CA THR C 234 7.41 -11.48 -2.40
C THR C 234 6.47 -12.50 -1.75
N ALA C 235 7.04 -13.47 -1.04
CA ALA C 235 6.29 -14.55 -0.45
C ALA C 235 6.47 -14.57 1.06
N PRO C 236 5.54 -15.18 1.79
CA PRO C 236 5.74 -15.39 3.24
C PRO C 236 6.91 -16.33 3.49
N THR C 237 7.32 -16.36 4.76
CA THR C 237 8.46 -17.18 5.19
C THR C 237 7.99 -18.62 5.42
N ARG C 238 7.61 -19.27 4.32
CA ARG C 238 7.16 -20.65 4.34
C ARG C 238 7.73 -21.38 3.14
N TYR C 239 7.67 -22.71 3.17
CA TYR C 239 8.21 -23.51 2.08
C TYR C 239 7.23 -23.52 0.91
N VAL C 240 7.69 -23.14 -0.27
CA VAL C 240 6.82 -23.08 -1.43
C VAL C 240 7.02 -24.34 -2.27
N VAL C 241 5.96 -24.72 -3.00
CA VAL C 241 6.04 -25.75 -4.03
C VAL C 241 5.25 -25.27 -5.24
N GLY C 242 5.52 -25.92 -6.37
CA GLY C 242 4.89 -25.57 -7.64
C GLY C 242 5.72 -24.58 -8.43
N TYR C 243 5.69 -24.70 -9.75
CA TYR C 243 6.42 -23.82 -10.66
C TYR C 243 7.92 -23.79 -10.32
N GLY C 244 8.55 -24.94 -10.47
CA GLY C 244 9.97 -25.07 -10.21
C GLY C 244 10.34 -25.39 -8.78
N PHE C 245 9.40 -25.25 -7.84
CA PHE C 245 9.64 -25.58 -6.44
C PHE C 245 9.10 -26.96 -6.15
N GLU C 246 9.79 -27.69 -5.27
CA GLU C 246 9.59 -29.13 -5.19
C GLU C 246 9.85 -29.64 -3.79
N VAL C 247 9.43 -30.88 -3.56
CA VAL C 247 9.85 -31.68 -2.42
C VAL C 247 10.28 -33.03 -2.99
N ASN C 248 11.58 -33.22 -3.13
CA ASN C 248 12.14 -34.39 -3.82
C ASN C 248 11.61 -34.45 -5.26
N ASP C 249 11.77 -33.34 -5.98
CA ASP C 249 11.45 -33.22 -7.41
C ASP C 249 9.96 -33.36 -7.69
N ARG C 250 9.14 -33.49 -6.66
CA ARG C 250 7.70 -33.57 -6.86
C ARG C 250 7.09 -32.18 -6.95
N TYR C 251 6.03 -32.07 -7.76
CA TYR C 251 5.25 -30.84 -7.94
C TYR C 251 6.00 -29.74 -8.66
N ARG C 252 7.07 -30.07 -9.39
CA ARG C 252 7.82 -29.05 -10.11
C ARG C 252 6.99 -28.47 -11.26
N ASN C 253 6.13 -29.27 -11.87
CA ASN C 253 5.40 -28.87 -13.07
C ASN C 253 4.01 -28.30 -12.78
N TYR C 254 3.72 -27.96 -11.53
CA TYR C 254 2.47 -27.29 -11.22
C TYR C 254 2.61 -25.81 -11.63
N ARG C 255 1.55 -25.28 -12.25
CA ARG C 255 1.62 -23.96 -12.86
C ARG C 255 1.53 -22.82 -11.85
N HIS C 256 1.12 -23.09 -10.62
CA HIS C 256 0.99 -22.07 -9.59
C HIS C 256 1.85 -22.47 -8.40
N VAL C 257 2.42 -21.46 -7.76
CA VAL C 257 3.25 -21.70 -6.59
C VAL C 257 2.35 -21.76 -5.36
N PHE C 258 2.45 -22.85 -4.60
CA PHE C 258 1.61 -23.12 -3.44
C PHE C 258 2.44 -23.05 -2.17
N VAL C 259 1.76 -22.84 -1.04
CA VAL C 259 2.39 -23.00 0.26
C VAL C 259 2.16 -24.44 0.70
N LEU C 260 3.24 -25.17 0.94
CA LEU C 260 3.13 -26.59 1.27
C LEU C 260 2.80 -26.76 2.75
N LYS C 261 1.80 -27.58 3.04
CA LYS C 261 1.53 -27.93 4.43
C LYS C 261 2.63 -28.84 4.97
N PRO C 262 3.01 -28.69 6.24
CA PRO C 262 4.09 -29.52 6.78
C PRO C 262 3.79 -31.01 6.75
N GLU C 263 2.52 -31.39 6.58
CA GLU C 263 2.17 -32.80 6.44
C GLU C 263 2.86 -33.44 5.24
N TYR C 264 3.30 -32.64 4.27
CA TYR C 264 3.90 -33.15 3.04
C TYR C 264 5.39 -32.87 2.93
N ALA C 265 6.00 -32.27 3.97
CA ALA C 265 7.41 -31.92 3.90
C ALA C 265 8.31 -33.15 3.80
N LYS C 266 7.82 -34.32 4.18
CA LYS C 266 8.56 -35.57 4.10
C LYS C 266 7.71 -36.65 3.45
N ARG C 267 7.01 -36.30 2.37
CA ARG C 267 6.08 -37.25 1.75
C ARG C 267 6.81 -38.30 0.93
N TYR C 268 7.91 -37.95 0.28
CA TYR C 268 8.63 -38.85 -0.62
C TYR C 268 10.09 -38.89 -0.21
N PRO C 269 10.46 -39.78 0.73
CA PRO C 269 11.83 -39.78 1.25
C PRO C 269 12.83 -40.49 0.34
N SER C 270 12.36 -41.41 -0.48
CA SER C 270 13.26 -42.29 -1.22
C SER C 270 14.08 -41.51 -2.26
N LYS C 271 15.31 -41.98 -2.48
CA LYS C 271 16.18 -41.38 -3.48
C LYS C 271 15.67 -41.66 -4.88
N LEU C 272 15.94 -40.74 -5.79
CA LEU C 272 15.54 -40.90 -7.18
C LEU C 272 16.71 -41.43 -8.01
N PRO D 44 -6.77 12.05 17.94
CA PRO D 44 -6.94 13.16 17.00
C PRO D 44 -5.62 13.80 16.60
N LEU D 45 -5.29 13.74 15.32
CA LEU D 45 -3.99 14.20 14.84
C LEU D 45 -4.06 15.64 14.37
N LYS D 46 -3.05 16.42 14.76
CA LYS D 46 -2.89 17.80 14.31
C LYS D 46 -1.58 17.87 13.55
N PRO D 47 -1.59 17.71 12.23
CA PRO D 47 -0.34 17.65 11.47
C PRO D 47 0.47 18.95 11.57
N ASN D 48 1.75 18.84 11.21
CA ASN D 48 2.62 19.99 11.03
C ASN D 48 2.73 20.29 9.55
N PHE D 49 2.40 21.52 9.17
CA PHE D 49 2.53 21.93 7.77
C PHE D 49 4.00 22.09 7.39
N VAL D 50 4.35 21.59 6.22
CA VAL D 50 5.71 21.67 5.69
C VAL D 50 5.66 22.43 4.37
N GLY D 51 6.25 23.61 4.34
CA GLY D 51 6.31 24.44 3.15
C GLY D 51 7.72 24.94 2.92
N ARG D 52 7.81 26.21 2.51
CA ARG D 52 9.10 26.82 2.25
C ARG D 52 9.00 28.32 2.49
N ASP D 53 10.11 28.91 2.93
CA ASP D 53 10.17 30.35 3.14
C ASP D 53 10.68 31.03 1.86
N ALA D 54 10.72 32.36 1.89
CA ALA D 54 11.12 33.12 0.70
C ALA D 54 12.59 32.89 0.34
N ASP D 55 13.41 32.44 1.28
CA ASP D 55 14.80 32.12 0.98
C ASP D 55 14.96 30.74 0.35
N GLY D 56 13.87 29.99 0.18
CA GLY D 56 13.94 28.69 -0.44
C GLY D 56 14.18 27.53 0.50
N ASN D 57 14.26 27.77 1.80
CA ASN D 57 14.51 26.72 2.77
C ASN D 57 13.21 26.05 3.19
N VAL D 58 13.31 24.80 3.62
CA VAL D 58 12.16 24.04 4.05
C VAL D 58 11.74 24.50 5.43
N THR D 59 10.45 24.81 5.59
CA THR D 59 9.90 25.25 6.86
C THR D 59 8.90 24.24 7.37
N VAL D 60 8.92 24.00 8.68
CA VAL D 60 7.91 23.18 9.35
C VAL D 60 7.20 24.09 10.34
N ASP D 61 5.94 24.42 10.04
CA ASP D 61 5.10 25.26 10.89
C ASP D 61 5.68 26.66 11.08
N GLY D 62 6.33 27.20 10.05
CA GLY D 62 6.71 28.60 10.01
C GLY D 62 8.17 28.89 10.27
N ARG D 63 8.91 27.94 10.83
CA ARG D 63 10.33 28.13 11.12
C ARG D 63 11.16 27.36 10.11
N SER D 64 12.16 28.03 9.55
CA SER D 64 12.96 27.44 8.48
C SER D 64 14.06 26.55 9.04
N TYR D 65 14.39 25.51 8.29
CA TYR D 65 15.48 24.59 8.62
C TYR D 65 16.41 24.52 7.43
N PRO D 66 17.36 25.46 7.34
CA PRO D 66 18.18 25.55 6.12
C PRO D 66 19.08 24.35 5.88
N MET D 67 19.36 23.55 6.90
CA MET D 67 20.16 22.34 6.72
C MET D 67 19.36 21.20 6.11
N ALA D 68 18.04 21.31 6.08
CA ALA D 68 17.20 20.22 5.61
C ALA D 68 17.06 20.23 4.10
N GLU D 69 17.09 19.04 3.51
CA GLU D 69 16.76 18.82 2.11
C GLU D 69 15.35 18.28 1.92
N SER D 70 14.92 17.39 2.80
CA SER D 70 13.54 16.92 2.87
C SER D 70 13.16 16.78 4.33
N VAL D 71 11.94 16.33 4.58
CA VAL D 71 11.46 16.03 5.93
C VAL D 71 10.90 14.61 5.89
N VAL D 72 11.59 13.68 6.56
CA VAL D 72 11.09 12.31 6.64
C VAL D 72 9.78 12.28 7.42
N ALA D 73 9.78 12.84 8.62
CA ALA D 73 8.58 12.87 9.44
C ALA D 73 8.62 14.08 10.35
N THR D 74 7.45 14.66 10.60
CA THR D 74 7.33 15.80 11.51
C THR D 74 6.99 15.30 12.90
N GLU D 75 6.90 16.24 13.85
CA GLU D 75 6.69 15.87 15.25
C GLU D 75 5.37 15.17 15.45
N SER D 76 4.29 15.66 14.82
CA SER D 76 3.00 15.01 14.96
C SER D 76 3.01 13.61 14.39
N THR D 77 3.79 13.38 13.32
CA THR D 77 3.85 12.05 12.73
C THR D 77 4.75 11.12 13.53
N ILE D 78 5.91 11.63 14.01
CA ILE D 78 6.77 10.81 14.85
C ILE D 78 6.08 10.48 16.17
N HIS D 79 5.39 11.46 16.76
CA HIS D 79 4.77 11.26 18.07
C HIS D 79 3.66 10.22 18.02
N ARG D 80 3.14 9.88 16.84
CA ARG D 80 2.10 8.87 16.74
C ARG D 80 2.66 7.48 16.51
N SER D 81 3.66 7.35 15.63
CA SER D 81 4.34 6.06 15.48
C SER D 81 4.91 5.56 16.79
N MET D 82 5.20 6.47 17.73
CA MET D 82 5.58 6.06 19.07
C MET D 82 4.35 5.78 19.93
N LYS D 83 3.25 6.51 19.71
CA LYS D 83 2.01 6.19 20.41
C LYS D 83 1.52 4.80 20.03
N GLU D 84 1.63 4.44 18.76
CA GLU D 84 1.20 3.12 18.31
C GLU D 84 2.19 2.03 18.71
N MET D 85 3.46 2.39 18.88
CA MET D 85 4.46 1.42 19.34
C MET D 85 4.35 1.19 20.84
N ALA D 86 4.09 2.26 21.61
CA ALA D 86 3.85 2.09 23.04
C ALA D 86 2.69 1.16 23.30
N GLN D 87 1.70 1.13 22.40
CA GLN D 87 0.66 0.11 22.46
C GLN D 87 1.14 -1.21 21.87
N THR D 88 1.98 -1.16 20.84
CA THR D 88 2.56 -2.39 20.30
C THR D 88 3.48 -3.05 21.33
N LEU D 89 4.33 -2.26 22.00
CA LEU D 89 5.24 -2.83 22.99
C LEU D 89 4.48 -3.32 24.21
N ALA D 90 3.48 -2.56 24.66
CA ALA D 90 2.69 -3.00 25.80
C ALA D 90 1.90 -4.26 25.49
N ASN D 91 1.34 -4.34 24.27
CA ASN D 91 0.56 -5.52 23.89
C ASN D 91 1.38 -6.79 23.99
N ALA D 92 2.67 -6.71 23.64
CA ALA D 92 3.51 -7.90 23.53
C ALA D 92 4.22 -8.26 24.84
N TYR D 93 4.18 -7.40 25.85
CA TYR D 93 4.92 -7.65 27.08
C TYR D 93 4.05 -7.77 28.33
N LYS D 94 2.75 -7.50 28.24
CA LYS D 94 1.90 -7.43 29.43
C LYS D 94 1.34 -8.78 29.85
N THR D 95 1.68 -9.86 29.14
CA THR D 95 1.36 -11.22 29.55
C THR D 95 2.59 -12.02 29.96
N LEU D 96 3.74 -11.71 29.35
CA LEU D 96 4.97 -12.44 29.59
C LEU D 96 5.31 -12.51 31.07
N LYS D 97 6.12 -13.52 31.41
CA LYS D 97 6.64 -13.69 32.76
C LYS D 97 8.12 -14.04 32.67
N HIS D 98 8.89 -13.59 33.66
CA HIS D 98 10.32 -13.86 33.70
C HIS D 98 10.73 -14.08 35.17
N ARG D 99 12.02 -14.03 35.42
CA ARG D 99 12.56 -14.34 36.74
C ARG D 99 12.07 -13.33 37.77
N ASP D 100 11.82 -13.82 38.98
CA ASP D 100 11.36 -13.00 40.11
C ASP D 100 12.58 -12.62 40.93
N THR D 101 13.06 -11.39 40.76
CA THR D 101 14.18 -10.88 41.54
C THR D 101 13.73 -9.97 42.69
N HIS D 102 12.46 -9.56 42.71
CA HIS D 102 11.94 -8.82 43.85
C HIS D 102 11.85 -9.71 45.08
N ASN D 103 11.29 -10.91 44.91
CA ASN D 103 11.33 -11.96 45.92
C ASN D 103 12.24 -13.05 45.36
N LYS D 104 13.55 -12.88 45.58
CA LYS D 104 14.55 -13.72 44.93
C LYS D 104 14.41 -15.19 45.31
N GLY D 105 13.76 -15.49 46.42
CA GLY D 105 13.51 -16.87 46.80
C GLY D 105 12.20 -17.38 46.23
N ASN D 106 12.14 -17.54 44.91
CA ASN D 106 10.91 -17.94 44.23
C ASN D 106 11.25 -18.89 43.09
N SER D 107 10.46 -19.97 42.98
CA SER D 107 10.65 -20.94 41.91
C SER D 107 9.93 -20.54 40.62
N ALA D 108 8.81 -19.84 40.72
CA ALA D 108 7.95 -19.57 39.58
C ALA D 108 8.34 -18.26 38.89
N LEU D 109 7.84 -18.09 37.67
CA LEU D 109 8.01 -16.86 36.92
C LEU D 109 7.03 -15.81 37.42
N ALA D 110 7.46 -14.55 37.36
CA ALA D 110 6.62 -13.45 37.80
C ALA D 110 6.22 -12.58 36.61
N PRO D 111 4.98 -12.07 36.58
CA PRO D 111 4.57 -11.22 35.47
C PRO D 111 5.29 -9.87 35.51
N ILE D 112 5.11 -9.11 34.44
CA ILE D 112 5.72 -7.78 34.36
C ILE D 112 4.94 -6.84 35.27
N THR D 113 5.37 -6.74 36.52
CA THR D 113 4.77 -5.88 37.52
C THR D 113 5.69 -4.68 37.75
N ASP D 114 5.35 -3.87 38.76
CA ASP D 114 6.28 -2.86 39.23
C ASP D 114 7.44 -3.48 40.01
N GLU D 115 7.26 -4.70 40.52
CA GLU D 115 8.32 -5.38 41.24
C GLU D 115 9.35 -5.98 40.29
N ASN D 116 8.92 -6.48 39.13
CA ASN D 116 9.80 -6.97 38.09
C ASN D 116 9.33 -6.41 36.76
N PRO D 117 9.81 -5.23 36.37
CA PRO D 117 9.37 -4.62 35.12
C PRO D 117 10.23 -5.05 33.94
N LEU D 118 9.80 -4.61 32.76
CA LEU D 118 10.60 -4.78 31.55
C LEU D 118 11.90 -4.00 31.67
N ILE D 119 13.00 -4.61 31.24
CA ILE D 119 14.30 -3.96 31.23
C ILE D 119 14.49 -3.24 29.90
N ILE D 120 14.85 -1.96 29.98
CA ILE D 120 15.03 -1.09 28.82
C ILE D 120 16.48 -0.66 28.78
N ILE D 121 17.18 -1.02 27.71
CA ILE D 121 18.56 -0.63 27.53
C ILE D 121 18.59 0.45 26.45
N SER D 122 18.71 1.71 26.86
CA SER D 122 18.73 2.82 25.94
C SER D 122 20.17 3.14 25.55
N VAL D 123 20.42 3.25 24.25
CA VAL D 123 21.77 3.49 23.74
C VAL D 123 22.01 4.99 23.66
N LEU D 124 23.12 5.43 24.22
CA LEU D 124 23.54 6.82 24.15
C LEU D 124 24.37 7.03 22.88
N LYS D 125 24.31 8.25 22.33
CA LYS D 125 23.59 9.37 22.95
C LYS D 125 22.40 9.81 22.11
N GLY D 126 22.05 9.02 21.10
CA GLY D 126 21.00 9.41 20.19
C GLY D 126 19.59 9.08 20.66
N SER D 127 19.44 7.98 21.38
CA SER D 127 18.12 7.51 21.78
C SER D 127 17.67 8.08 23.12
N TYR D 128 18.29 9.17 23.59
CA TYR D 128 17.90 9.70 24.90
C TYR D 128 16.62 10.53 24.81
N ILE D 129 16.46 11.29 23.72
CA ILE D 129 15.20 11.97 23.46
C ILE D 129 14.12 10.97 23.11
N PHE D 130 14.46 10.01 22.23
CA PHE D 130 13.49 9.01 21.78
C PHE D 130 13.03 8.11 22.92
N THR D 131 13.91 7.84 23.89
CA THR D 131 13.52 7.02 25.03
C THR D 131 12.64 7.80 26.00
N ALA D 132 13.07 9.01 26.40
CA ALA D 132 12.30 9.80 27.35
C ALA D 132 10.88 10.07 26.85
N ASP D 133 10.69 10.17 25.54
CA ASP D 133 9.35 10.38 24.99
C ASP D 133 8.53 9.09 25.02
N MET D 134 9.18 7.93 24.95
CA MET D 134 8.48 6.66 24.79
C MET D 134 8.19 5.97 26.13
N VAL D 135 9.11 6.05 27.09
CA VAL D 135 8.85 5.41 28.38
C VAL D 135 7.64 6.03 29.05
N ARG D 136 7.38 7.33 28.82
CA ARG D 136 6.17 7.94 29.34
C ARG D 136 4.94 7.48 28.57
N TYR D 137 5.11 7.18 27.28
CA TYR D 137 4.03 6.59 26.50
C TYR D 137 3.69 5.19 26.99
N LEU D 138 4.71 4.38 27.24
CA LEU D 138 4.48 3.03 27.75
C LEU D 138 3.78 3.04 29.10
N GLY D 139 4.07 4.05 29.93
CA GLY D 139 3.36 4.20 31.19
C GLY D 139 1.88 4.48 30.99
N ASP D 140 1.56 5.28 29.98
CA ASP D 140 0.16 5.52 29.64
C ASP D 140 -0.54 4.26 29.18
N CYS D 141 0.21 3.29 28.66
CA CYS D 141 -0.34 2.00 28.27
C CYS D 141 -0.26 0.96 29.39
N GLY D 142 0.37 1.29 30.52
CA GLY D 142 0.39 0.42 31.67
C GLY D 142 1.47 -0.64 31.66
N LEU D 143 2.54 -0.46 30.90
CA LEU D 143 3.63 -1.41 30.87
C LEU D 143 4.72 -0.97 31.83
N PRO D 144 4.86 -1.59 33.00
CA PRO D 144 5.90 -1.15 33.94
C PRO D 144 7.29 -1.39 33.37
N ASN D 145 8.16 -0.39 33.54
CA ASN D 145 9.49 -0.47 32.96
C ASN D 145 10.46 0.40 33.77
N VAL D 146 11.71 -0.07 33.81
CA VAL D 146 12.84 0.72 34.31
C VAL D 146 13.85 0.83 33.18
N VAL D 147 14.63 1.91 33.19
CA VAL D 147 15.50 2.26 32.07
C VAL D 147 16.92 2.43 32.59
N ASP D 148 17.88 1.83 31.88
CA ASP D 148 19.30 2.08 32.07
C ASP D 148 19.92 2.41 30.73
N PHE D 149 21.12 3.00 30.77
CA PHE D 149 21.77 3.52 29.58
C PHE D 149 23.10 2.80 29.33
N ILE D 150 23.41 2.58 28.05
CA ILE D 150 24.71 2.07 27.62
C ILE D 150 25.21 2.96 26.50
N ARG D 151 26.48 3.34 26.56
CA ARG D 151 27.09 4.20 25.55
C ARG D 151 28.06 3.39 24.71
N ILE D 152 27.96 3.55 23.39
CA ILE D 152 28.84 2.88 22.44
C ILE D 152 29.44 3.94 21.52
N THR D 153 30.52 3.56 20.85
CA THR D 153 31.04 4.34 19.73
C THR D 153 31.65 3.40 18.69
N GLN D 166 31.68 -2.17 21.11
CA GLN D 166 32.63 -1.12 21.47
C GLN D 166 32.07 -0.22 22.56
N VAL D 167 31.89 -0.80 23.74
CA VAL D 167 31.40 -0.04 24.88
C VAL D 167 32.43 0.98 25.33
N LEU D 168 31.97 2.19 25.67
CA LEU D 168 32.77 3.15 26.42
C LEU D 168 32.23 3.29 27.84
N ASP D 169 30.96 3.66 27.97
CA ASP D 169 30.24 3.64 29.23
C ASP D 169 29.28 2.46 29.22
N ASN D 170 29.06 1.87 30.39
CA ASN D 170 28.35 0.61 30.50
C ASN D 170 27.11 0.74 31.37
N LEU D 171 26.31 -0.32 31.38
CA LEU D 171 25.15 -0.40 32.26
C LEU D 171 25.60 -0.53 33.71
N ARG D 172 24.75 -0.06 34.61
CA ARG D 172 24.91 -0.32 36.03
C ARG D 172 23.98 -1.42 36.53
N PHE D 173 23.06 -1.89 35.68
CA PHE D 173 22.21 -3.02 36.04
C PHE D 173 23.01 -4.31 35.98
N THR D 174 22.76 -5.21 36.93
CA THR D 174 23.46 -6.48 37.01
C THR D 174 22.56 -7.70 36.92
N GLU D 175 21.30 -7.59 37.35
CA GLU D 175 20.40 -8.74 37.37
C GLU D 175 19.49 -8.71 36.14
N LEU D 176 20.10 -8.95 34.98
CA LEU D 176 19.38 -9.06 33.72
C LEU D 176 19.21 -10.50 33.27
N THR D 177 19.66 -11.47 34.06
CA THR D 177 19.58 -12.87 33.68
C THR D 177 18.14 -13.36 33.76
N GLY D 178 17.72 -14.11 32.75
CA GLY D 178 16.35 -14.63 32.71
C GLY D 178 15.29 -13.55 32.65
N LYS D 179 15.67 -12.33 32.28
CA LYS D 179 14.74 -11.21 32.23
C LYS D 179 14.25 -10.98 30.80
N HIS D 180 13.17 -10.21 30.69
CA HIS D 180 12.71 -9.70 29.41
C HIS D 180 13.38 -8.34 29.20
N VAL D 181 14.28 -8.25 28.22
CA VAL D 181 15.03 -7.04 27.96
C VAL D 181 14.63 -6.50 26.59
N LEU D 182 14.57 -5.17 26.46
CA LEU D 182 14.32 -4.53 25.18
C LEU D 182 15.20 -3.29 25.08
N ILE D 183 15.98 -3.20 24.02
CA ILE D 183 16.92 -2.10 23.82
C ILE D 183 16.27 -1.05 22.92
N MET D 184 16.43 0.21 23.30
CA MET D 184 15.87 1.34 22.56
C MET D 184 16.98 2.06 21.82
N GLU D 185 16.82 2.19 20.50
CA GLU D 185 17.84 2.78 19.65
C GLU D 185 17.18 3.75 18.67
N ASP D 186 17.96 4.77 18.29
CA ASP D 186 17.42 5.82 17.43
C ASP D 186 17.32 5.38 15.97
N ILE D 187 18.33 4.68 15.46
CA ILE D 187 18.40 4.37 14.03
C ILE D 187 19.04 3.02 13.83
N ALA D 188 18.64 2.33 12.77
CA ALA D 188 19.31 1.14 12.28
C ALA D 188 19.60 1.36 10.81
N ASP D 189 20.89 1.55 10.47
CA ASP D 189 21.29 1.75 9.09
C ASP D 189 22.01 0.51 8.62
N THR D 190 23.33 0.38 8.83
CA THR D 190 24.02 -0.81 8.38
C THR D 190 23.65 -2.05 9.20
N GLY D 191 23.07 -1.86 10.39
CA GLY D 191 22.68 -2.95 11.25
C GLY D 191 23.80 -3.58 12.04
N ARG D 192 25.06 -3.18 11.82
CA ARG D 192 26.19 -3.85 12.45
C ARG D 192 26.25 -3.55 13.94
N THR D 193 26.23 -2.26 14.31
CA THR D 193 26.41 -1.88 15.70
C THR D 193 25.31 -2.46 16.58
N MET D 194 24.08 -2.49 16.08
CA MET D 194 22.98 -3.11 16.82
C MET D 194 22.94 -4.62 16.66
N LYS D 195 23.78 -5.18 15.79
CA LYS D 195 23.99 -6.63 15.74
C LYS D 195 25.08 -7.06 16.72
N LEU D 196 26.20 -6.34 16.74
CA LEU D 196 27.27 -6.62 17.69
C LEU D 196 26.87 -6.31 19.12
N LEU D 197 25.74 -5.64 19.34
CA LEU D 197 25.26 -5.33 20.68
C LEU D 197 24.26 -6.37 21.18
N VAL D 198 23.40 -6.87 20.30
CA VAL D 198 22.44 -7.90 20.69
C VAL D 198 23.18 -9.19 21.03
N GLU D 199 24.07 -9.64 20.16
CA GLU D 199 24.93 -10.77 20.46
C GLU D 199 25.83 -10.52 21.66
N LYS D 200 25.89 -9.29 22.15
CA LYS D 200 26.72 -8.90 23.28
C LYS D 200 25.94 -8.83 24.59
N ILE D 201 24.72 -8.28 24.57
CA ILE D 201 23.89 -8.34 25.76
C ILE D 201 23.40 -9.77 25.98
N ARG D 202 23.22 -10.53 24.89
CA ARG D 202 22.77 -11.92 25.02
C ARG D 202 23.86 -12.79 25.61
N ARG D 203 25.12 -12.52 25.28
CA ARG D 203 26.22 -13.37 25.73
C ARG D 203 26.56 -13.11 27.19
N GLU D 204 26.49 -11.86 27.65
CA GLU D 204 26.95 -11.50 28.97
C GLU D 204 25.85 -11.58 30.03
N TYR D 205 24.59 -11.44 29.63
CA TYR D 205 23.49 -11.40 30.59
C TYR D 205 22.54 -12.58 30.48
N ARG D 206 22.48 -13.25 29.32
CA ARG D 206 21.63 -14.40 29.07
C ARG D 206 20.19 -14.13 29.51
N PRO D 207 19.48 -13.25 28.82
CA PRO D 207 18.09 -12.94 29.22
C PRO D 207 17.09 -13.86 28.54
N ALA D 208 15.90 -13.93 29.15
CA ALA D 208 14.81 -14.68 28.55
C ALA D 208 14.38 -14.07 27.22
N SER D 209 14.53 -12.75 27.09
CA SER D 209 14.21 -12.06 25.85
C SER D 209 15.18 -10.91 25.66
N LEU D 210 15.43 -10.56 24.39
CA LEU D 210 16.29 -9.43 24.06
C LEU D 210 15.90 -8.97 22.65
N LYS D 211 15.14 -7.89 22.58
CA LYS D 211 14.62 -7.40 21.32
C LYS D 211 14.93 -5.91 21.18
N VAL D 212 14.90 -5.43 19.94
CA VAL D 212 15.31 -4.08 19.61
C VAL D 212 14.11 -3.30 19.09
N CYS D 213 13.91 -2.10 19.63
CA CYS D 213 12.89 -1.18 19.15
C CYS D 213 13.60 0.08 18.66
N VAL D 214 13.53 0.32 17.36
CA VAL D 214 14.21 1.47 16.76
C VAL D 214 13.19 2.57 16.49
N LEU D 215 13.67 3.80 16.46
CA LEU D 215 12.82 4.92 16.07
C LEU D 215 12.59 4.94 14.56
N VAL D 216 13.67 4.95 13.79
CA VAL D 216 13.59 4.96 12.33
C VAL D 216 14.54 3.90 11.80
N ASP D 217 14.15 3.26 10.71
CA ASP D 217 14.87 2.12 10.18
C ASP D 217 15.18 2.33 8.70
N LYS D 218 16.45 2.21 8.34
CA LYS D 218 16.90 2.26 6.94
C LYS D 218 17.38 0.88 6.54
N PRO D 219 16.51 0.02 6.01
CA PRO D 219 16.93 -1.34 5.62
C PRO D 219 17.63 -1.42 4.29
N GLY D 220 17.90 -0.30 3.62
CA GLY D 220 18.60 -0.31 2.36
C GLY D 220 20.09 -0.19 2.54
N GLY D 221 20.50 0.39 3.67
CA GLY D 221 21.91 0.56 3.95
C GLY D 221 22.58 -0.55 4.72
N ARG D 222 21.87 -1.66 4.99
CA ARG D 222 22.43 -2.75 5.77
C ARG D 222 23.41 -3.59 4.96
N VAL D 223 24.51 -3.97 5.61
CA VAL D 223 25.47 -4.91 5.04
C VAL D 223 25.51 -6.22 5.81
N VAL D 224 24.67 -6.37 6.84
CA VAL D 224 24.51 -7.61 7.59
C VAL D 224 23.02 -7.82 7.81
N ASP D 225 22.68 -8.98 8.38
CA ASP D 225 21.29 -9.33 8.64
C ASP D 225 20.92 -8.86 10.04
N PHE D 226 20.29 -7.69 10.11
CA PHE D 226 19.69 -7.21 11.35
C PHE D 226 18.27 -6.76 11.04
N LYS D 227 17.29 -7.46 11.61
CA LYS D 227 15.88 -7.12 11.43
C LYS D 227 15.28 -6.75 12.78
N PRO D 228 15.06 -5.46 13.03
CA PRO D 228 14.54 -5.05 14.35
C PRO D 228 13.11 -5.52 14.55
N GLU D 229 12.83 -5.96 15.79
CA GLU D 229 11.53 -6.53 16.09
C GLU D 229 10.43 -5.48 16.04
N PHE D 230 10.75 -4.22 16.33
CA PHE D 230 9.76 -3.16 16.45
C PHE D 230 10.31 -1.89 15.82
N VAL D 231 9.61 -1.38 14.82
CA VAL D 231 10.06 -0.23 14.05
C VAL D 231 8.95 0.81 14.04
N CYS D 232 9.28 2.05 14.39
CA CYS D 232 8.31 3.13 14.30
C CYS D 232 8.19 3.63 12.86
N LEU D 233 9.28 4.14 12.29
CA LEU D 233 9.28 4.74 10.97
C LEU D 233 10.33 4.07 10.08
N THR D 234 10.07 4.10 8.78
CA THR D 234 10.99 3.62 7.76
C THR D 234 11.38 4.79 6.86
N ALA D 235 12.67 4.93 6.60
CA ALA D 235 13.21 6.09 5.90
C ALA D 235 14.07 5.65 4.73
N PRO D 236 14.36 6.56 3.79
CA PRO D 236 15.28 6.23 2.71
C PRO D 236 16.69 6.03 3.21
N THR D 237 17.55 5.55 2.30
CA THR D 237 18.96 5.30 2.61
C THR D 237 19.73 6.62 2.53
N ARG D 238 19.40 7.51 3.46
CA ARG D 238 19.99 8.84 3.51
C ARG D 238 20.28 9.20 4.96
N TYR D 239 21.34 9.97 5.18
CA TYR D 239 21.67 10.44 6.51
C TYR D 239 20.64 11.46 6.97
N VAL D 240 19.90 11.14 8.03
CA VAL D 240 18.83 11.99 8.51
C VAL D 240 19.31 12.77 9.73
N VAL D 241 18.55 13.81 10.08
CA VAL D 241 18.94 14.76 11.10
C VAL D 241 17.69 15.23 11.83
N GLY D 242 17.82 15.47 13.12
CA GLY D 242 16.72 15.97 13.91
C GLY D 242 16.09 14.88 14.77
N TYR D 243 15.51 15.30 15.89
CA TYR D 243 14.90 14.40 16.87
C TYR D 243 15.87 13.29 17.26
N GLY D 244 17.02 13.71 17.81
CA GLY D 244 18.04 12.80 18.29
C GLY D 244 19.19 12.55 17.33
N PHE D 245 19.05 12.96 16.06
CA PHE D 245 20.07 12.72 15.06
C PHE D 245 20.86 13.98 14.78
N GLU D 246 22.15 13.80 14.49
CA GLU D 246 23.11 14.90 14.61
C GLU D 246 24.11 14.86 13.46
N VAL D 247 24.72 16.02 13.24
CA VAL D 247 26.00 16.14 12.56
C VAL D 247 26.89 16.92 13.51
N ASN D 248 27.76 16.21 14.23
CA ASN D 248 28.57 16.80 15.29
C ASN D 248 27.69 17.44 16.36
N ASP D 249 26.73 16.66 16.86
CA ASP D 249 25.85 17.00 17.98
C ASP D 249 24.89 18.15 17.68
N ARG D 250 24.83 18.63 16.44
CA ARG D 250 23.96 19.75 16.10
C ARG D 250 22.64 19.24 15.54
N TYR D 251 21.59 20.05 15.74
CA TYR D 251 20.22 19.77 15.32
C TYR D 251 19.61 18.56 16.01
N ARG D 252 20.23 18.06 17.08
CA ARG D 252 19.67 16.91 17.80
C ARG D 252 18.32 17.26 18.41
N ASN D 253 18.19 18.47 18.93
CA ASN D 253 16.98 18.91 19.62
C ASN D 253 15.90 19.43 18.70
N TYR D 254 16.06 19.27 17.39
CA TYR D 254 15.02 19.68 16.44
C TYR D 254 13.90 18.65 16.46
N ARG D 255 12.67 19.12 16.41
CA ARG D 255 11.51 18.27 16.68
C ARG D 255 11.13 17.36 15.52
N HIS D 256 11.82 17.44 14.38
CA HIS D 256 11.45 16.67 13.20
C HIS D 256 12.67 16.02 12.58
N VAL D 257 12.43 14.93 11.86
CA VAL D 257 13.49 14.17 11.20
C VAL D 257 13.58 14.66 9.76
N PHE D 258 14.69 15.31 9.42
CA PHE D 258 14.93 15.83 8.08
C PHE D 258 15.98 14.98 7.37
N VAL D 259 15.95 15.02 6.05
CA VAL D 259 17.03 14.48 5.22
C VAL D 259 18.05 15.59 5.06
N LEU D 260 19.22 15.42 5.68
CA LEU D 260 20.20 16.49 5.70
C LEU D 260 20.73 16.78 4.30
N LYS D 261 20.94 18.06 4.02
CA LYS D 261 21.64 18.45 2.80
C LYS D 261 23.04 17.85 2.82
N PRO D 262 23.43 17.12 1.77
CA PRO D 262 24.80 16.57 1.73
C PRO D 262 25.89 17.63 1.78
N GLU D 263 25.54 18.92 1.71
CA GLU D 263 26.55 19.97 1.83
C GLU D 263 26.85 20.31 3.28
N TYR D 264 25.98 19.96 4.21
CA TYR D 264 26.18 20.21 5.63
C TYR D 264 26.87 19.06 6.35
N ALA D 265 27.38 18.07 5.61
CA ALA D 265 27.90 16.86 6.24
C ALA D 265 29.20 17.11 6.98
N LYS D 266 30.14 17.82 6.36
CA LYS D 266 31.39 18.21 7.02
C LYS D 266 31.34 19.67 7.45
N ARG D 267 30.18 20.12 7.91
CA ARG D 267 30.03 21.52 8.31
C ARG D 267 30.73 21.81 9.62
N TYR D 268 30.80 20.84 10.53
CA TYR D 268 31.31 21.03 11.88
C TYR D 268 32.41 20.00 12.15
N PRO D 269 33.65 20.29 11.74
CA PRO D 269 34.74 19.33 11.92
C PRO D 269 35.49 19.42 13.25
N SER D 270 35.28 20.48 14.04
CA SER D 270 36.05 20.66 15.26
C SER D 270 35.46 19.87 16.41
N LYS D 271 36.30 19.13 17.11
CA LYS D 271 35.86 18.30 18.21
C LYS D 271 35.44 19.16 19.40
N LEU D 272 34.39 18.72 20.09
CA LEU D 272 33.93 19.41 21.30
C LEU D 272 34.51 18.76 22.55
#